data_2VG3
#
_entry.id   2VG3
#
_cell.length_a   86.870
_cell.length_b   86.870
_cell.length_c   184.070
_cell.angle_alpha   90.00
_cell.angle_beta   90.00
_cell.angle_gamma   120.00
#
_symmetry.space_group_name_H-M   'P 32'
#
loop_
_entity.id
_entity.type
_entity.pdbx_description
1 polymer 'UNDECAPRENYL PYROPHOSPHATE SYNTHETASE'
2 non-polymer 'MAGNESIUM ION'
3 non-polymer 'GERANYL DIPHOSPHATE'
4 non-polymer 'PHOSPHATE ION'
5 non-polymer 'CHLORIDE ION'
6 non-polymer 'SULFATE ION'
7 non-polymer GLYCEROL
8 water water
#
_entity_poly.entity_id   1
_entity_poly.type   'polypeptide(L)'
_entity_poly.pdbx_seq_one_letter_code
;FPQLPPAPDDYPTFPDTSTWPVVFPELPAAPYGGPCRPPQHTSKAAAPRIPADRLPNHVAIVMDGNGRWATQRGLARTEG
HKMGEAVVIDIACGAIELGIKWLSLYAFSTENWKRSPEEVRFLMGFNRDVVRRRRDTLKKLGVRIRWVGSRPRLWRSVIN
ELAVAEEMTKSNDVITINYCVNYGGRTEITEATREIAREVAAGRLNPERITESTIARHLQRPDIPDVDLFLRTSGEQRSS
NFMLWQAAYAEYIFQDKLWPDYDRRDLWAACEEYASRTRRFGSA
;
_entity_poly.pdbx_strand_id   A,B,C,D
#
# COMPACT_ATOMS: atom_id res chain seq x y z
N PHE A 1 19.77 5.32 -34.80
CA PHE A 1 19.39 5.50 -33.36
C PHE A 1 18.20 4.61 -33.00
N PRO A 2 18.14 4.15 -31.73
CA PRO A 2 17.08 3.25 -31.28
C PRO A 2 15.81 3.98 -30.87
N GLN A 3 15.75 5.30 -31.04
CA GLN A 3 14.56 6.02 -30.64
C GLN A 3 13.46 5.73 -31.65
N LEU A 4 12.23 5.78 -31.16
CA LEU A 4 11.09 5.81 -32.05
C LEU A 4 11.05 7.20 -32.64
N PRO A 5 10.71 7.30 -33.95
CA PRO A 5 10.53 8.60 -34.57
C PRO A 5 9.49 9.42 -33.81
N PRO A 6 9.52 10.74 -33.95
CA PRO A 6 8.43 11.50 -33.37
C PRO A 6 7.10 10.87 -33.77
N ALA A 7 6.16 10.80 -32.83
CA ALA A 7 4.86 10.17 -33.11
C ALA A 7 4.09 10.95 -34.16
N PRO A 8 3.21 10.28 -34.90
CA PRO A 8 2.35 11.06 -35.76
C PRO A 8 1.69 12.16 -34.94
N ASP A 9 1.48 13.34 -35.53
CA ASP A 9 0.90 14.46 -34.76
C ASP A 9 -0.46 14.10 -34.14
N ASP A 10 -1.24 13.28 -34.84
CA ASP A 10 -2.58 12.90 -34.37
C ASP A 10 -2.62 11.67 -33.46
N TYR A 11 -1.46 11.11 -33.14
CA TYR A 11 -1.38 9.90 -32.32
C TYR A 11 -1.87 10.24 -30.92
N PRO A 12 -2.62 9.32 -30.26
CA PRO A 12 -3.07 9.56 -28.90
C PRO A 12 -1.98 10.04 -27.94
N THR A 13 -2.38 10.89 -26.99
CA THR A 13 -1.47 11.44 -26.00
C THR A 13 -1.75 10.85 -24.62
N PHE A 14 -0.80 11.02 -23.72
CA PHE A 14 -0.88 10.52 -22.35
C PHE A 14 0.08 11.34 -21.48
N PRO A 15 -0.30 11.61 -20.21
CA PRO A 15 -1.56 11.37 -19.50
C PRO A 15 -2.52 12.57 -19.42
N ASP A 16 -3.82 12.28 -19.39
CA ASP A 16 -4.84 13.25 -19.02
C ASP A 16 -5.25 13.02 -17.57
N THR A 17 -4.83 13.92 -16.68
CA THR A 17 -5.04 13.76 -15.24
C THR A 17 -6.37 14.37 -14.75
N SER A 18 -7.29 14.58 -15.68
CA SER A 18 -8.64 15.07 -15.38
C SER A 18 -9.60 13.95 -14.98
N THR A 19 -9.10 12.72 -14.98
CA THR A 19 -9.84 11.58 -14.44
C THR A 19 -8.88 10.80 -13.57
N TRP A 20 -9.38 10.22 -12.49
CA TRP A 20 -8.59 9.23 -11.76
C TRP A 20 -9.42 7.97 -11.57
N PRO A 21 -8.83 6.79 -11.86
CA PRO A 21 -7.52 6.61 -12.50
C PRO A 21 -7.50 7.25 -13.89
N VAL A 22 -6.33 7.61 -14.36
CA VAL A 22 -6.24 8.23 -15.69
C VAL A 22 -6.64 7.23 -16.77
N VAL A 23 -7.26 7.73 -17.82
CA VAL A 23 -7.71 6.86 -18.91
CA VAL A 23 -7.72 6.87 -18.92
C VAL A 23 -6.56 6.64 -19.89
N PHE A 24 -6.24 5.38 -20.15
CA PHE A 24 -5.19 5.10 -21.11
C PHE A 24 -5.90 5.02 -22.46
N PRO A 25 -5.44 5.83 -23.43
CA PRO A 25 -6.19 5.97 -24.67
C PRO A 25 -6.19 4.73 -25.53
N GLU A 26 -7.26 4.56 -26.30
CA GLU A 26 -7.30 3.56 -27.34
C GLU A 26 -6.23 3.90 -28.36
N LEU A 27 -5.49 2.88 -28.79
CA LEU A 27 -4.39 3.09 -29.74
C LEU A 27 -4.73 2.47 -31.10
N PRO A 28 -4.32 3.15 -32.19
CA PRO A 28 -4.50 2.57 -33.52
C PRO A 28 -3.93 1.16 -33.63
N ALA A 29 -4.59 0.33 -34.43
CA ALA A 29 -4.21 -1.07 -34.59
C ALA A 29 -2.86 -1.19 -35.28
N ALA A 30 -2.09 -2.21 -34.90
CA ALA A 30 -0.86 -2.59 -35.62
C ALA A 30 -1.25 -3.56 -36.73
N PRO A 31 -0.83 -3.27 -37.98
CA PRO A 31 -1.27 -4.07 -39.13
C PRO A 31 -1.14 -5.62 -39.20
N TYR A 32 -0.11 -6.32 -38.69
CA TYR A 32 0.76 -6.03 -37.56
C TYR A 32 2.21 -6.14 -38.08
N GLY A 33 3.28 -6.19 -37.29
CA GLY A 33 3.44 -6.93 -36.02
C GLY A 33 3.06 -6.37 -34.66
N GLY A 34 3.54 -7.09 -33.63
CA GLY A 34 3.03 -7.00 -32.26
C GLY A 34 2.94 -5.65 -31.57
N PRO A 35 4.03 -5.22 -30.93
CA PRO A 35 3.92 -4.13 -29.95
C PRO A 35 3.43 -2.83 -30.56
N CYS A 36 2.51 -2.16 -29.87
CA CYS A 36 1.97 -0.89 -30.34
C CYS A 36 2.83 0.28 -29.87
N ARG A 37 2.92 1.33 -30.68
CA ARG A 37 3.63 2.52 -30.29
C ARG A 37 2.95 3.11 -29.05
N PRO A 38 3.74 3.50 -28.04
CA PRO A 38 3.11 4.13 -26.88
C PRO A 38 2.46 5.48 -27.21
N PRO A 39 1.43 5.87 -26.45
CA PRO A 39 0.92 7.21 -26.72
C PRO A 39 2.02 8.21 -26.47
N GLN A 40 2.02 9.30 -27.23
CA GLN A 40 3.01 10.36 -27.04
C GLN A 40 2.64 11.20 -25.83
N HIS A 41 3.58 12.02 -25.36
CA HIS A 41 3.28 12.93 -24.25
C HIS A 41 2.24 13.96 -24.66
N THR A 42 1.48 14.44 -23.67
CA THR A 42 0.55 15.56 -23.88
C THR A 42 1.18 16.72 -24.65
N SER A 43 2.44 17.01 -24.35
CA SER A 43 3.19 18.08 -25.02
C SER A 43 3.59 17.78 -26.47
N LYS A 44 3.48 16.52 -26.87
CA LYS A 44 3.88 16.02 -28.20
C LYS A 44 5.39 16.18 -28.45
N ALA A 45 6.16 16.26 -27.37
CA ALA A 45 7.61 16.29 -27.47
C ALA A 45 8.06 14.93 -27.98
N ALA A 46 9.22 14.91 -28.64
CA ALA A 46 9.80 13.67 -29.17
C ALA A 46 11.08 13.32 -28.40
N ALA A 47 11.35 12.03 -28.25
CA ALA A 47 12.55 11.59 -27.54
C ALA A 47 13.80 12.14 -28.24
N PRO A 48 14.82 12.55 -27.46
CA PRO A 48 16.05 13.08 -28.06
C PRO A 48 16.79 11.97 -28.75
N ARG A 49 17.55 12.29 -29.80
CA ARG A 49 18.27 11.28 -30.58
C ARG A 49 19.59 10.94 -29.92
N ILE A 50 19.69 9.72 -29.39
CA ILE A 50 20.84 9.30 -28.62
C ILE A 50 21.25 7.92 -29.12
N PRO A 51 22.53 7.79 -29.51
CA PRO A 51 23.03 6.51 -30.02
C PRO A 51 22.80 5.40 -29.00
N ALA A 52 22.48 4.21 -29.49
CA ALA A 52 22.16 3.09 -28.61
C ALA A 52 23.32 2.77 -27.64
N ASP A 53 24.54 2.96 -28.11
CA ASP A 53 25.74 2.66 -27.30
C ASP A 53 25.99 3.69 -26.20
N ARG A 54 25.37 4.86 -26.29
CA ARG A 54 25.57 5.92 -25.30
C ARG A 54 24.40 6.07 -24.32
N LEU A 55 23.29 5.40 -24.57
CA LEU A 55 22.21 5.37 -23.62
C LEU A 55 22.61 4.61 -22.36
N PRO A 56 21.95 4.90 -21.24
CA PRO A 56 22.05 3.98 -20.12
C PRO A 56 21.30 2.71 -20.49
N ASN A 57 21.90 1.54 -20.28
CA ASN A 57 21.22 0.26 -20.55
C ASN A 57 20.10 0.00 -19.54
N HIS A 58 20.39 0.39 -18.29
CA HIS A 58 19.53 0.14 -17.16
C HIS A 58 19.43 1.42 -16.35
N VAL A 59 18.20 1.92 -16.20
CA VAL A 59 17.88 3.10 -15.40
C VAL A 59 17.06 2.66 -14.20
N ALA A 60 17.45 3.10 -13.01
CA ALA A 60 16.73 2.80 -11.78
C ALA A 60 16.14 4.09 -11.27
N ILE A 61 14.85 4.08 -10.93
CA ILE A 61 14.21 5.28 -10.42
C ILE A 61 13.69 5.08 -9.01
N VAL A 62 14.12 5.97 -8.11
CA VAL A 62 13.47 6.11 -6.82
C VAL A 62 12.46 7.25 -6.92
N MET A 63 11.21 6.84 -6.97
CA MET A 63 10.08 7.75 -7.09
C MET A 63 9.84 8.35 -5.75
N ASP A 64 9.92 9.67 -5.63
CA ASP A 64 9.85 10.31 -4.32
C ASP A 64 9.20 11.69 -4.42
N GLY A 65 8.59 12.11 -3.32
CA GLY A 65 7.96 13.42 -3.23
C GLY A 65 6.45 13.42 -3.25
N ASN A 66 5.82 12.24 -3.33
CA ASN A 66 4.35 12.11 -3.38
C ASN A 66 3.67 12.78 -2.18
N GLY A 67 4.24 12.59 -0.99
CA GLY A 67 3.62 13.11 0.23
C GLY A 67 3.73 14.61 0.31
N ARG A 68 4.92 15.13 0.04
CA ARG A 68 5.13 16.57 0.01
C ARG A 68 4.23 17.23 -1.02
N TRP A 69 4.06 16.58 -2.17
CA TRP A 69 3.22 17.08 -3.25
C TRP A 69 1.77 17.26 -2.78
N ALA A 70 1.24 16.27 -2.06
CA ALA A 70 -0.12 16.33 -1.53
C ALA A 70 -0.22 17.44 -0.47
N THR A 71 0.72 17.43 0.46
CA THR A 71 0.76 18.42 1.53
C THR A 71 0.77 19.87 1.01
N GLN A 72 1.54 20.15 -0.04
CA GLN A 72 1.51 21.49 -0.70
C GLN A 72 0.07 21.93 -1.04
N ARG A 73 -0.77 20.97 -1.38
CA ARG A 73 -2.15 21.22 -1.80
C ARG A 73 -3.18 20.93 -0.71
N GLY A 74 -2.72 20.66 0.51
CA GLY A 74 -3.60 20.40 1.66
C GLY A 74 -4.35 19.08 1.58
N LEU A 75 -3.79 18.12 0.84
CA LEU A 75 -4.42 16.81 0.60
C LEU A 75 -3.75 15.72 1.42
N ALA A 76 -4.46 14.61 1.63
CA ALA A 76 -3.88 13.45 2.31
C ALA A 76 -2.75 12.86 1.46
N ARG A 77 -1.75 12.30 2.12
CA ARG A 77 -0.57 11.75 1.44
C ARG A 77 -0.93 10.73 0.33
N THR A 78 -1.95 9.92 0.59
CA THR A 78 -2.37 8.92 -0.38
C THR A 78 -2.86 9.54 -1.71
N GLU A 79 -3.24 10.81 -1.68
CA GLU A 79 -3.65 11.49 -2.92
C GLU A 79 -2.46 11.76 -3.83
N GLY A 80 -1.31 12.02 -3.21
CA GLY A 80 -0.06 12.09 -3.94
C GLY A 80 0.30 10.76 -4.53
N HIS A 81 0.09 9.67 -3.77
CA HIS A 81 0.42 8.35 -4.29
C HIS A 81 -0.42 8.02 -5.53
N LYS A 82 -1.72 8.31 -5.45
CA LYS A 82 -2.60 8.14 -6.61
C LYS A 82 -2.09 8.82 -7.88
N MET A 83 -1.56 10.02 -7.74
CA MET A 83 -1.04 10.74 -8.92
C MET A 83 0.21 10.08 -9.51
N GLY A 84 0.91 9.29 -8.69
CA GLY A 84 2.12 8.64 -9.14
C GLY A 84 1.90 7.56 -10.18
N GLU A 85 0.70 6.99 -10.21
CA GLU A 85 0.36 5.92 -11.17
C GLU A 85 0.54 6.38 -12.63
N ALA A 86 -0.07 7.51 -12.97
CA ALA A 86 0.07 8.07 -14.33
C ALA A 86 1.53 8.33 -14.68
N VAL A 87 2.29 8.82 -13.71
CA VAL A 87 3.70 9.17 -13.96
C VAL A 87 4.52 7.90 -14.27
N VAL A 88 4.29 6.83 -13.53
CA VAL A 88 4.89 5.52 -13.84
C VAL A 88 4.64 5.15 -15.30
N ILE A 89 3.39 5.24 -15.75
CA ILE A 89 3.04 4.76 -17.09
C ILE A 89 3.60 5.71 -18.15
N ASP A 90 3.60 6.99 -17.83
CA ASP A 90 4.18 8.00 -18.71
C ASP A 90 5.68 7.79 -18.91
N ILE A 91 6.38 7.49 -17.81
CA ILE A 91 7.81 7.19 -17.86
C ILE A 91 8.09 5.86 -18.62
N ALA A 92 7.24 4.85 -18.43
CA ALA A 92 7.32 3.61 -19.22
C ALA A 92 7.23 3.95 -20.71
N CYS A 93 6.22 4.75 -21.06
CA CYS A 93 6.04 5.23 -22.44
C CYS A 93 7.27 5.97 -22.98
N GLY A 94 7.80 6.90 -22.19
CA GLY A 94 8.95 7.69 -22.54
C GLY A 94 10.21 6.86 -22.66
N ALA A 95 10.36 5.87 -21.79
CA ALA A 95 11.53 4.97 -21.84
C ALA A 95 11.51 4.16 -23.14
N ILE A 96 10.33 3.70 -23.55
CA ILE A 96 10.19 3.04 -24.85
C ILE A 96 10.53 3.95 -26.01
N GLU A 97 10.06 5.20 -25.98
CA GLU A 97 10.34 6.13 -27.08
C GLU A 97 11.84 6.44 -27.19
N LEU A 98 12.53 6.45 -26.03
CA LEU A 98 13.98 6.72 -25.99
C LEU A 98 14.84 5.48 -26.34
N GLY A 99 14.28 4.27 -26.17
CA GLY A 99 14.97 3.03 -26.50
C GLY A 99 15.67 2.39 -25.31
N ILE A 100 15.30 2.79 -24.09
CA ILE A 100 15.85 2.22 -22.85
C ILE A 100 15.46 0.74 -22.75
N LYS A 101 16.40 -0.13 -22.42
CA LYS A 101 16.13 -1.57 -22.35
C LYS A 101 15.71 -2.10 -20.99
N TRP A 102 16.15 -1.45 -19.93
CA TRP A 102 15.91 -1.90 -18.56
C TRP A 102 15.52 -0.72 -17.69
N LEU A 103 14.42 -0.88 -16.95
CA LEU A 103 13.92 0.14 -16.03
C LEU A 103 13.48 -0.50 -14.71
N SER A 104 14.04 -0.05 -13.59
CA SER A 104 13.69 -0.54 -12.26
C SER A 104 12.96 0.56 -11.46
N LEU A 105 11.79 0.25 -10.94
CA LEU A 105 11.04 1.26 -10.17
C LEU A 105 10.84 0.84 -8.71
N TYR A 106 11.15 1.74 -7.78
CA TYR A 106 11.08 1.44 -6.34
C TYR A 106 9.70 1.76 -5.80
N ALA A 107 8.78 0.81 -5.88
CA ALA A 107 7.39 1.02 -5.53
C ALA A 107 7.11 0.95 -4.03
N PHE A 108 7.85 0.13 -3.32
CA PHE A 108 7.69 0.01 -1.85
C PHE A 108 8.92 -0.71 -1.34
N SER A 109 9.56 -0.17 -0.32
CA SER A 109 10.73 -0.79 0.26
C SER A 109 10.47 -1.54 1.58
N THR A 110 11.41 -2.43 1.90
CA THR A 110 11.39 -3.19 3.13
C THR A 110 11.37 -2.29 4.35
N GLU A 111 11.76 -1.02 4.21
CA GLU A 111 11.72 -0.05 5.32
C GLU A 111 10.44 0.81 5.34
N ASN A 112 9.62 0.74 4.29
CA ASN A 112 8.37 1.49 4.27
C ASN A 112 7.30 0.95 5.22
N TRP A 113 7.52 -0.22 5.83
CA TRP A 113 6.64 -0.75 6.87
C TRP A 113 6.60 0.14 8.12
N LYS A 114 7.58 1.05 8.25
CA LYS A 114 7.64 2.00 9.35
C LYS A 114 6.57 3.08 9.25
N ARG A 115 5.93 3.19 8.10
CA ARG A 115 4.86 4.18 7.91
C ARG A 115 3.58 3.76 8.64
N SER A 116 2.60 4.66 8.68
CA SER A 116 1.35 4.40 9.38
C SER A 116 0.64 3.21 8.77
N PRO A 117 -0.16 2.48 9.58
CA PRO A 117 -0.93 1.34 9.05
C PRO A 117 -1.82 1.71 7.87
N GLU A 118 -2.42 2.89 7.93
CA GLU A 118 -3.34 3.36 6.90
C GLU A 118 -2.62 3.64 5.57
N GLU A 119 -1.42 4.20 5.63
CA GLU A 119 -0.63 4.44 4.43
C GLU A 119 -0.09 3.13 3.83
N VAL A 120 0.39 2.23 4.69
CA VAL A 120 0.88 0.95 4.23
C VAL A 120 -0.23 0.15 3.57
N ARG A 121 -1.37 0.06 4.25
CA ARG A 121 -2.55 -0.61 3.71
C ARG A 121 -2.93 -0.06 2.32
N PHE A 122 -3.00 1.26 2.21
CA PHE A 122 -3.22 1.87 0.91
C PHE A 122 -2.19 1.49 -0.14
N LEU A 123 -0.90 1.63 0.17
CA LEU A 123 0.15 1.33 -0.79
C LEU A 123 0.10 -0.12 -1.27
N MET A 124 -0.23 -1.04 -0.37
CA MET A 124 -0.35 -2.44 -0.75
C MET A 124 -1.49 -2.67 -1.76
N GLY A 125 -2.69 -2.21 -1.41
CA GLY A 125 -3.82 -2.31 -2.33
C GLY A 125 -3.61 -1.51 -3.60
N PHE A 126 -2.99 -0.34 -3.49
CA PHE A 126 -2.71 0.51 -4.66
C PHE A 126 -1.79 -0.19 -5.64
N ASN A 127 -0.72 -0.79 -5.15
CA ASN A 127 0.20 -1.51 -6.03
C ASN A 127 -0.48 -2.71 -6.69
N ARG A 128 -1.29 -3.42 -5.91
CA ARG A 128 -2.08 -4.55 -6.41
C ARG A 128 -2.95 -4.11 -7.55
N ASP A 129 -3.69 -3.04 -7.33
CA ASP A 129 -4.65 -2.50 -8.30
C ASP A 129 -3.95 -1.98 -9.56
N VAL A 130 -2.90 -1.17 -9.39
CA VAL A 130 -2.13 -0.66 -10.54
C VAL A 130 -1.65 -1.75 -11.47
N VAL A 131 -1.09 -2.82 -10.91
CA VAL A 131 -0.58 -3.91 -11.74
C VAL A 131 -1.73 -4.54 -12.52
N ARG A 132 -2.83 -4.85 -11.83
CA ARG A 132 -4.01 -5.39 -12.51
C ARG A 132 -4.53 -4.43 -13.59
N ARG A 133 -4.66 -3.16 -13.25
CA ARG A 133 -5.21 -2.17 -14.17
C ARG A 133 -4.31 -1.92 -15.42
N ARG A 134 -2.99 -2.02 -15.25
CA ARG A 134 -2.03 -1.59 -16.31
C ARG A 134 -1.33 -2.72 -17.07
N ARG A 135 -1.50 -3.95 -16.57
CA ARG A 135 -0.90 -5.19 -17.08
C ARG A 135 -1.15 -5.40 -18.58
N ASP A 136 -2.40 -5.25 -18.99
CA ASP A 136 -2.78 -5.54 -20.38
C ASP A 136 -2.14 -4.52 -21.34
N THR A 137 -2.13 -3.26 -20.90
CA THR A 137 -1.54 -2.19 -21.69
C THR A 137 -0.03 -2.39 -21.83
N LEU A 138 0.64 -2.65 -20.71
CA LEU A 138 2.09 -2.91 -20.72
C LEU A 138 2.43 -4.06 -21.69
N LYS A 139 1.65 -5.13 -21.63
CA LYS A 139 1.83 -6.27 -22.52
C LYS A 139 1.78 -5.83 -23.99
N LYS A 140 0.79 -5.00 -24.33
CA LYS A 140 0.60 -4.61 -25.72
C LYS A 140 1.68 -3.62 -26.21
N LEU A 141 2.38 -2.98 -25.28
CA LEU A 141 3.50 -2.09 -25.61
C LEU A 141 4.81 -2.84 -25.75
N GLY A 142 4.80 -4.14 -25.46
CA GLY A 142 6.01 -4.94 -25.55
C GLY A 142 6.86 -4.89 -24.30
N VAL A 143 6.29 -4.40 -23.19
CA VAL A 143 6.94 -4.44 -21.90
C VAL A 143 6.94 -5.85 -21.30
N ARG A 144 8.12 -6.27 -20.81
CA ARG A 144 8.26 -7.44 -19.93
C ARG A 144 8.33 -6.93 -18.49
N ILE A 145 7.34 -7.27 -17.67
CA ILE A 145 7.28 -6.75 -16.30
C ILE A 145 7.23 -7.92 -15.33
N ARG A 146 7.90 -7.76 -14.19
CA ARG A 146 7.86 -8.75 -13.13
C ARG A 146 8.20 -8.16 -11.79
N TRP A 147 7.80 -8.89 -10.75
CA TRP A 147 8.03 -8.48 -9.38
C TRP A 147 9.50 -8.67 -9.01
N VAL A 148 10.09 -7.69 -8.32
CA VAL A 148 11.36 -7.88 -7.62
C VAL A 148 11.15 -7.44 -6.19
N GLY A 149 11.41 -8.34 -5.25
CA GLY A 149 11.20 -8.02 -3.84
C GLY A 149 11.25 -9.21 -2.92
N SER A 150 11.01 -8.91 -1.65
CA SER A 150 11.04 -9.92 -0.58
CA SER A 150 11.04 -9.92 -0.58
C SER A 150 9.64 -10.34 -0.19
N ARG A 151 9.48 -11.63 0.08
CA ARG A 151 8.16 -12.22 0.31
C ARG A 151 7.53 -11.95 1.67
N PRO A 152 8.30 -12.03 2.77
CA PRO A 152 7.69 -11.80 4.09
C PRO A 152 7.01 -10.45 4.23
N ARG A 153 5.77 -10.48 4.70
CA ARG A 153 4.95 -9.29 4.98
C ARG A 153 4.23 -8.72 3.74
N LEU A 154 4.82 -8.85 2.55
CA LEU A 154 4.16 -8.39 1.33
C LEU A 154 2.81 -9.08 1.14
N TRP A 155 1.77 -8.31 0.85
CA TRP A 155 0.46 -8.89 0.58
C TRP A 155 0.55 -9.88 -0.57
N ARG A 156 0.10 -11.10 -0.35
CA ARG A 156 0.04 -12.11 -1.43
C ARG A 156 -0.68 -11.60 -2.69
N SER A 157 -1.72 -10.77 -2.50
CA SER A 157 -2.45 -10.23 -3.65
C SER A 157 -1.59 -9.42 -4.61
N VAL A 158 -0.59 -8.71 -4.09
CA VAL A 158 0.32 -7.95 -4.91
C VAL A 158 1.24 -8.89 -5.70
N ILE A 159 1.74 -9.91 -5.01
CA ILE A 159 2.56 -10.94 -5.63
C ILE A 159 1.77 -11.63 -6.74
N ASN A 160 0.55 -12.02 -6.44
CA ASN A 160 -0.34 -12.69 -7.39
C ASN A 160 -0.63 -11.88 -8.65
N GLU A 161 -0.88 -10.57 -8.52
CA GLU A 161 -1.17 -9.77 -9.70
C GLU A 161 0.07 -9.70 -10.58
N LEU A 162 1.21 -9.50 -9.95
CA LEU A 162 2.48 -9.43 -10.65
C LEU A 162 2.88 -10.77 -11.29
N ALA A 163 2.56 -11.87 -10.62
CA ALA A 163 2.76 -13.21 -11.22
C ALA A 163 2.01 -13.35 -12.55
N VAL A 164 0.77 -12.88 -12.57
CA VAL A 164 -0.02 -12.92 -13.80
C VAL A 164 0.61 -12.00 -14.86
N ALA A 165 1.03 -10.81 -14.46
CA ALA A 165 1.73 -9.88 -15.36
C ALA A 165 3.02 -10.47 -15.96
N GLU A 166 3.77 -11.18 -15.12
CA GLU A 166 5.01 -11.81 -15.51
C GLU A 166 4.74 -12.88 -16.54
N GLU A 167 3.75 -13.74 -16.30
CA GLU A 167 3.44 -14.84 -17.23
C GLU A 167 2.97 -14.31 -18.59
N MET A 168 2.03 -13.35 -18.57
CA MET A 168 1.51 -12.68 -19.76
C MET A 168 2.56 -12.00 -20.63
N THR A 169 3.65 -11.52 -20.00
CA THR A 169 4.63 -10.70 -20.68
C THR A 169 6.02 -11.31 -20.78
N LYS A 170 6.14 -12.59 -20.44
CA LYS A 170 7.46 -13.25 -20.37
C LYS A 170 8.21 -13.31 -21.72
N SER A 171 7.48 -13.25 -22.83
CA SER A 171 8.11 -13.30 -24.16
C SER A 171 8.31 -11.92 -24.81
N ASN A 172 7.86 -10.85 -24.14
CA ASN A 172 8.07 -9.49 -24.64
C ASN A 172 9.55 -9.06 -24.56
N ASP A 173 9.96 -8.13 -25.42
CA ASP A 173 11.36 -7.71 -25.40
C ASP A 173 11.67 -6.24 -25.72
N VAL A 174 10.67 -5.37 -25.77
CA VAL A 174 10.90 -3.94 -26.04
C VAL A 174 11.63 -3.27 -24.88
N ILE A 175 11.21 -3.58 -23.67
CA ILE A 175 11.81 -3.03 -22.46
C ILE A 175 11.47 -4.01 -21.37
N THR A 176 12.37 -4.16 -20.40
CA THR A 176 12.07 -4.92 -19.19
C THR A 176 11.87 -3.96 -18.01
N ILE A 177 10.74 -4.09 -17.32
CA ILE A 177 10.50 -3.28 -16.12
C ILE A 177 10.53 -4.17 -14.88
N ASN A 178 11.49 -3.89 -14.01
CA ASN A 178 11.50 -4.49 -12.67
C ASN A 178 10.62 -3.68 -11.73
N TYR A 179 9.49 -4.27 -11.31
CA TYR A 179 8.51 -3.56 -10.50
C TYR A 179 8.76 -3.99 -9.05
N CYS A 180 9.48 -3.14 -8.35
CA CYS A 180 10.11 -3.51 -7.08
C CYS A 180 9.21 -3.17 -5.91
N VAL A 181 8.65 -4.20 -5.29
CA VAL A 181 7.71 -4.01 -4.17
C VAL A 181 8.13 -4.88 -3.01
N ASN A 182 8.22 -4.27 -1.84
CA ASN A 182 8.88 -4.84 -0.65
C ASN A 182 10.31 -5.26 -0.99
N TYR A 183 10.98 -4.36 -1.70
CA TYR A 183 12.34 -4.56 -2.14
C TYR A 183 13.27 -3.94 -1.11
N GLY A 184 14.33 -4.65 -0.79
CA GLY A 184 15.39 -4.12 0.07
C GLY A 184 16.71 -4.70 -0.41
N GLY A 185 17.67 -3.85 -0.72
CA GLY A 185 18.96 -4.30 -1.26
C GLY A 185 19.71 -5.25 -0.34
N ARG A 186 19.83 -4.88 0.93
CA ARG A 186 20.45 -5.76 1.90
C ARG A 186 19.70 -7.08 2.03
N THR A 187 18.38 -7.03 2.03
CA THR A 187 17.55 -8.24 2.16
C THR A 187 17.68 -9.18 0.95
N GLU A 188 17.76 -8.60 -0.23
CA GLU A 188 17.95 -9.38 -1.46
C GLU A 188 19.31 -10.09 -1.47
N ILE A 189 20.35 -9.40 -1.03
CA ILE A 189 21.70 -10.00 -0.90
C ILE A 189 21.67 -11.13 0.14
N THR A 190 20.93 -10.91 1.22
CA THR A 190 20.79 -11.91 2.25
C THR A 190 20.05 -13.16 1.75
N GLU A 191 19.00 -12.97 0.96
CA GLU A 191 18.25 -14.08 0.36
CA GLU A 191 18.26 -14.10 0.39
C GLU A 191 19.14 -14.92 -0.56
N ALA A 192 19.99 -14.24 -1.34
CA ALA A 192 20.98 -14.90 -2.20
C ALA A 192 21.99 -15.74 -1.39
N THR A 193 22.47 -15.17 -0.30
CA THR A 193 23.38 -15.89 0.59
C THR A 193 22.70 -17.12 1.19
N ARG A 194 21.43 -16.99 1.58
CA ARG A 194 20.66 -18.14 2.07
C ARG A 194 20.59 -19.19 0.98
N GLU A 195 20.40 -18.74 -0.26
CA GLU A 195 20.29 -19.66 -1.41
CA GLU A 195 20.28 -19.70 -1.35
C GLU A 195 21.59 -20.44 -1.55
N ILE A 196 22.70 -19.70 -1.56
CA ILE A 196 24.05 -20.25 -1.63
C ILE A 196 24.28 -21.25 -0.49
N ALA A 197 23.89 -20.86 0.72
CA ALA A 197 24.03 -21.71 1.91
C ALA A 197 23.30 -23.03 1.73
N ARG A 198 22.08 -22.97 1.21
CA ARG A 198 21.30 -24.20 0.98
C ARG A 198 22.02 -25.13 0.01
N GLU A 199 22.52 -24.56 -1.09
CA GLU A 199 23.29 -25.31 -2.08
C GLU A 199 24.53 -25.95 -1.46
N VAL A 200 25.26 -25.17 -0.67
CA VAL A 200 26.40 -25.67 0.07
C VAL A 200 26.00 -26.86 0.94
N ALA A 201 24.89 -26.73 1.69
CA ALA A 201 24.45 -27.82 2.56
C ALA A 201 24.10 -29.09 1.79
N ALA A 202 23.62 -28.92 0.57
CA ALA A 202 23.25 -30.05 -0.29
C ALA A 202 24.46 -30.58 -1.05
N GLY A 203 25.61 -29.92 -0.89
CA GLY A 203 26.86 -30.34 -1.51
C GLY A 203 27.05 -29.86 -2.94
N ARG A 204 26.06 -29.16 -3.48
CA ARG A 204 26.06 -28.76 -4.88
C ARG A 204 26.87 -27.50 -5.12
N LEU A 205 27.49 -26.96 -4.06
CA LEU A 205 28.36 -25.80 -4.19
C LEU A 205 29.55 -25.92 -3.22
N ASN A 206 30.74 -25.62 -3.73
CA ASN A 206 31.97 -25.62 -2.95
C ASN A 206 32.23 -24.19 -2.44
N PRO A 207 32.27 -24.00 -1.10
CA PRO A 207 32.45 -22.64 -0.55
C PRO A 207 33.70 -21.91 -1.03
N GLU A 208 34.73 -22.66 -1.39
CA GLU A 208 35.97 -22.07 -1.90
C GLU A 208 35.87 -21.64 -3.36
N ARG A 209 34.76 -21.94 -4.02
CA ARG A 209 34.55 -21.56 -5.41
C ARG A 209 33.51 -20.45 -5.54
N ILE A 210 33.10 -19.89 -4.40
CA ILE A 210 32.13 -18.80 -4.39
C ILE A 210 32.82 -17.49 -4.82
N THR A 211 32.27 -16.82 -5.83
CA THR A 211 32.79 -15.54 -6.32
C THR A 211 31.67 -14.51 -6.34
N GLU A 212 31.99 -13.28 -6.71
CA GLU A 212 30.96 -12.24 -6.83
C GLU A 212 29.84 -12.70 -7.77
N SER A 213 30.22 -13.42 -8.81
CA SER A 213 29.27 -13.90 -9.80
C SER A 213 28.34 -14.99 -9.22
N THR A 214 28.84 -15.75 -8.24
CA THR A 214 27.97 -16.68 -7.52
C THR A 214 26.82 -15.94 -6.85
N ILE A 215 27.13 -14.82 -6.20
CA ILE A 215 26.08 -14.00 -5.58
C ILE A 215 25.08 -13.52 -6.63
N ALA A 216 25.60 -12.92 -7.72
CA ALA A 216 24.76 -12.40 -8.81
C ALA A 216 23.81 -13.46 -9.34
N ARG A 217 24.35 -14.67 -9.52
CA ARG A 217 23.59 -15.78 -10.06
C ARG A 217 22.50 -16.26 -9.09
N HIS A 218 22.61 -15.90 -7.80
CA HIS A 218 21.64 -16.32 -6.80
C HIS A 218 20.71 -15.21 -6.28
N LEU A 219 20.80 -14.03 -6.88
CA LEU A 219 19.78 -13.00 -6.64
C LEU A 219 18.45 -13.48 -7.19
N GLN A 220 17.38 -12.92 -6.65
CA GLN A 220 16.05 -13.30 -7.07
C GLN A 220 15.88 -13.26 -8.58
N ARG A 221 16.39 -12.21 -9.21
CA ARG A 221 16.25 -11.99 -10.65
C ARG A 221 17.65 -11.88 -11.26
N PRO A 222 18.29 -13.03 -11.51
CA PRO A 222 19.70 -12.96 -11.88
C PRO A 222 20.01 -12.28 -13.21
N ASP A 223 19.00 -12.10 -14.06
CA ASP A 223 19.21 -11.44 -15.35
C ASP A 223 19.29 -9.92 -15.30
N ILE A 224 19.04 -9.31 -14.15
CA ILE A 224 19.05 -7.84 -14.06
C ILE A 224 20.49 -7.34 -14.26
N PRO A 225 20.71 -6.49 -15.26
CA PRO A 225 22.02 -5.92 -15.45
C PRO A 225 22.36 -4.85 -14.44
N ASP A 226 23.64 -4.51 -14.35
CA ASP A 226 24.10 -3.39 -13.53
C ASP A 226 23.24 -2.17 -13.87
N VAL A 227 22.93 -1.36 -12.85
CA VAL A 227 22.30 -0.07 -13.06
C VAL A 227 23.36 0.92 -13.58
N ASP A 228 23.04 1.54 -14.70
CA ASP A 228 23.94 2.53 -15.30
C ASP A 228 23.69 3.93 -14.77
N LEU A 229 22.41 4.25 -14.66
CA LEU A 229 21.89 5.57 -14.24
C LEU A 229 20.83 5.38 -13.16
N PHE A 230 21.06 5.99 -12.01
CA PHE A 230 20.21 5.91 -10.85
C PHE A 230 19.61 7.31 -10.63
N LEU A 231 18.30 7.40 -10.72
CA LEU A 231 17.61 8.66 -10.61
C LEU A 231 16.78 8.68 -9.35
N ARG A 232 16.75 9.85 -8.72
CA ARG A 232 15.85 10.07 -7.62
C ARG A 232 15.27 11.47 -7.71
N THR A 233 13.97 11.55 -7.53
CA THR A 233 13.23 12.79 -7.56
C THR A 233 13.07 13.36 -6.14
N SER A 234 12.60 14.60 -6.06
CA SER A 234 12.24 15.32 -4.82
C SER A 234 13.37 16.13 -4.15
N GLY A 235 14.59 16.02 -4.70
CA GLY A 235 15.76 16.71 -4.17
C GLY A 235 16.58 15.89 -3.19
N GLU A 236 16.08 14.72 -2.84
CA GLU A 236 16.79 13.87 -1.87
C GLU A 236 17.97 13.25 -2.57
N GLN A 237 19.11 13.17 -1.87
CA GLN A 237 20.34 12.62 -2.42
C GLN A 237 20.77 11.42 -1.61
N ARG A 238 20.14 10.29 -1.91
CA ARG A 238 20.37 9.05 -1.23
C ARG A 238 19.79 7.94 -2.07
N SER A 239 20.36 6.73 -1.96
CA SER A 239 19.89 5.58 -2.73
C SER A 239 18.83 4.77 -1.95
N SER A 240 18.81 4.96 -0.63
CA SER A 240 17.88 4.28 0.26
C SER A 240 17.72 2.78 -0.04
N ASN A 241 18.84 2.08 -0.20
CA ASN A 241 18.84 0.61 -0.24
C ASN A 241 18.23 0.06 -1.51
N PHE A 242 18.15 0.88 -2.54
CA PHE A 242 17.58 0.45 -3.82
C PHE A 242 18.66 -0.09 -4.75
N MET A 243 18.38 -1.25 -5.36
CA MET A 243 19.31 -1.89 -6.29
C MET A 243 20.73 -1.89 -5.75
N LEU A 244 20.86 -2.26 -4.47
CA LEU A 244 22.14 -2.12 -3.78
C LEU A 244 23.27 -2.86 -4.50
N TRP A 245 23.13 -4.17 -4.74
CA TRP A 245 24.19 -4.91 -5.44
C TRP A 245 24.39 -4.33 -6.84
N GLN A 246 23.28 -4.10 -7.53
CA GLN A 246 23.30 -3.79 -8.95
C GLN A 246 23.77 -2.37 -9.23
N ALA A 247 23.62 -1.45 -8.28
CA ALA A 247 23.98 -0.04 -8.56
C ALA A 247 25.34 0.35 -8.02
N ALA A 248 26.17 -0.66 -7.69
CA ALA A 248 27.53 -0.44 -7.19
C ALA A 248 28.30 0.60 -8.00
N TYR A 249 28.16 0.56 -9.32
CA TYR A 249 28.89 1.45 -10.23
C TYR A 249 28.01 2.48 -10.95
N ALA A 250 26.77 2.66 -10.47
CA ALA A 250 25.85 3.59 -11.12
C ALA A 250 26.30 5.02 -11.00
N GLU A 251 25.95 5.81 -12.01
CA GLU A 251 25.98 7.26 -11.95
C GLU A 251 24.64 7.74 -11.38
N TYR A 252 24.72 8.70 -10.46
CA TYR A 252 23.53 9.30 -9.84
C TYR A 252 23.21 10.66 -10.46
N ILE A 253 21.93 10.87 -10.74
CA ILE A 253 21.40 12.17 -11.09
C ILE A 253 20.19 12.42 -10.21
N PHE A 254 20.23 13.54 -9.49
CA PHE A 254 19.18 13.88 -8.55
C PHE A 254 18.41 15.05 -9.15
N GLN A 255 17.10 14.86 -9.30
CA GLN A 255 16.23 15.86 -9.88
C GLN A 255 15.29 16.36 -8.78
N ASP A 256 15.15 17.67 -8.68
CA ASP A 256 14.42 18.29 -7.56
C ASP A 256 12.90 18.12 -7.61
N LYS A 257 12.38 17.87 -8.81
CA LYS A 257 10.95 17.78 -9.05
C LYS A 257 10.30 16.66 -8.23
N LEU A 258 9.11 16.94 -7.67
CA LEU A 258 8.34 15.93 -6.95
C LEU A 258 7.74 14.94 -7.96
N TRP A 259 7.59 13.69 -7.55
CA TRP A 259 7.22 12.63 -8.47
C TRP A 259 5.93 12.92 -9.20
N PRO A 260 4.88 13.40 -8.50
CA PRO A 260 3.64 13.68 -9.26
C PRO A 260 3.73 14.80 -10.31
N ASP A 261 4.79 15.61 -10.26
CA ASP A 261 5.06 16.66 -11.26
C ASP A 261 6.00 16.18 -12.40
N TYR A 262 6.49 14.95 -12.29
CA TYR A 262 7.49 14.40 -13.20
C TYR A 262 6.85 13.95 -14.49
N ASP A 263 7.58 14.04 -15.60
CA ASP A 263 7.04 13.47 -16.81
C ASP A 263 8.17 12.97 -17.68
N ARG A 264 7.80 12.32 -18.79
CA ARG A 264 8.80 11.61 -19.57
C ARG A 264 9.92 12.49 -20.06
N ARG A 265 9.65 13.80 -20.22
CA ARG A 265 10.66 14.76 -20.68
C ARG A 265 11.77 14.90 -19.65
N ASP A 266 11.42 14.71 -18.38
CA ASP A 266 12.42 14.76 -17.30
C ASP A 266 13.32 13.53 -17.31
N LEU A 267 12.75 12.37 -17.63
CA LEU A 267 13.52 11.14 -17.81
C LEU A 267 14.49 11.35 -18.95
N TRP A 268 14.00 11.91 -20.06
CA TRP A 268 14.84 12.17 -21.22
C TRP A 268 15.99 13.12 -20.87
N ALA A 269 15.67 14.19 -20.15
CA ALA A 269 16.71 15.13 -19.75
C ALA A 269 17.88 14.46 -19.00
N ALA A 270 17.56 13.61 -18.03
CA ALA A 270 18.59 12.89 -17.25
C ALA A 270 19.39 11.95 -18.15
N CYS A 271 18.70 11.24 -19.02
CA CYS A 271 19.38 10.29 -19.90
C CYS A 271 20.33 10.99 -20.87
N GLU A 272 19.93 12.18 -21.33
CA GLU A 272 20.74 12.94 -22.27
C GLU A 272 22.00 13.46 -21.57
N GLU A 273 21.83 13.92 -20.34
CA GLU A 273 22.96 14.32 -19.50
C GLU A 273 23.95 13.20 -19.29
N TYR A 274 23.42 12.02 -18.99
CA TYR A 274 24.23 10.82 -18.83
C TYR A 274 24.98 10.51 -20.12
N ALA A 275 24.26 10.56 -21.24
CA ALA A 275 24.75 10.11 -22.53
C ALA A 275 25.78 11.03 -23.15
N SER A 276 25.56 12.33 -23.02
CA SER A 276 26.44 13.32 -23.63
C SER A 276 27.78 13.48 -22.93
N ARG A 277 27.84 13.17 -21.65
CA ARG A 277 29.10 13.32 -20.91
C ARG A 277 30.20 12.42 -21.50
N THR A 278 31.43 12.92 -21.55
CA THR A 278 32.56 12.06 -21.92
C THR A 278 32.68 10.93 -20.91
N ARG A 279 32.76 9.70 -21.40
CA ARG A 279 32.84 8.54 -20.52
C ARG A 279 34.29 8.34 -20.13
N ARG A 280 34.66 8.84 -18.97
CA ARG A 280 36.06 8.85 -18.60
C ARG A 280 36.51 7.44 -18.18
N PHE A 281 37.82 7.25 -18.11
CA PHE A 281 38.40 6.00 -17.63
C PHE A 281 37.73 5.69 -16.31
N GLY A 282 37.40 4.43 -16.08
CA GLY A 282 36.64 4.08 -14.90
C GLY A 282 35.21 4.54 -15.01
N SER A 283 34.58 4.21 -16.13
CA SER A 283 33.12 4.27 -16.27
C SER A 283 32.73 3.50 -17.53
N ALA A 284 31.83 2.53 -17.38
CA ALA A 284 31.47 1.63 -18.47
C ALA A 284 30.37 2.23 -19.36
N PHE B 1 3.98 -5.65 15.35
CA PHE B 1 2.53 -5.85 15.59
C PHE B 1 1.99 -4.82 16.59
N PRO B 2 0.75 -4.33 16.38
CA PRO B 2 0.14 -3.33 17.27
C PRO B 2 -0.54 -3.93 18.51
N GLN B 3 -0.52 -5.25 18.63
CA GLN B 3 -1.19 -5.89 19.75
C GLN B 3 -0.48 -5.56 21.06
N LEU B 4 -1.25 -5.46 22.12
CA LEU B 4 -0.65 -5.40 23.43
C LEU B 4 -0.09 -6.79 23.71
N PRO B 5 1.10 -6.86 24.29
CA PRO B 5 1.65 -8.17 24.65
C PRO B 5 0.73 -8.91 25.60
N PRO B 6 0.88 -10.24 25.75
CA PRO B 6 0.08 -10.96 26.74
C PRO B 6 0.27 -10.31 28.10
N ALA B 7 -0.80 -10.17 28.88
CA ALA B 7 -0.72 -9.52 30.19
C ALA B 7 0.04 -10.38 31.19
N PRO B 8 0.59 -9.76 32.25
CA PRO B 8 1.10 -10.58 33.34
C PRO B 8 0.03 -11.54 33.85
N ASP B 9 0.43 -12.73 34.31
CA ASP B 9 -0.54 -13.74 34.76
C ASP B 9 -1.46 -13.18 35.84
N ASP B 10 -0.91 -12.32 36.70
CA ASP B 10 -1.68 -11.75 37.80
C ASP B 10 -2.40 -10.44 37.44
N TYR B 11 -2.34 -10.03 36.17
CA TYR B 11 -3.01 -8.81 35.77
C TYR B 11 -4.53 -8.98 35.95
N PRO B 12 -5.21 -7.93 36.46
CA PRO B 12 -6.65 -8.02 36.62
C PRO B 12 -7.39 -8.55 35.39
N THR B 13 -8.48 -9.27 35.65
CA THR B 13 -9.28 -9.88 34.60
C THR B 13 -10.66 -9.22 34.57
N PHE B 14 -11.39 -9.49 33.49
CA PHE B 14 -12.72 -8.93 33.26
C PHE B 14 -13.39 -9.77 32.17
N PRO B 15 -14.72 -9.99 32.26
CA PRO B 15 -15.67 -9.62 33.33
C PRO B 15 -15.93 -10.71 34.35
N ASP B 16 -16.16 -10.28 35.59
CA ASP B 16 -16.65 -11.17 36.65
C ASP B 16 -18.16 -10.96 36.78
N THR B 17 -18.94 -11.89 36.23
CA THR B 17 -20.41 -11.78 36.20
C THR B 17 -21.11 -12.31 37.46
N SER B 18 -20.38 -12.44 38.57
CA SER B 18 -20.94 -12.87 39.86
C SER B 18 -21.75 -11.77 40.52
N THR B 19 -21.51 -10.52 40.09
CA THR B 19 -22.34 -9.39 40.51
C THR B 19 -22.92 -8.73 39.28
N TRP B 20 -23.95 -7.93 39.52
CA TRP B 20 -24.46 -7.01 38.49
C TRP B 20 -24.81 -5.67 39.17
N PRO B 21 -24.37 -4.54 38.59
CA PRO B 21 -23.45 -4.43 37.45
C PRO B 21 -22.12 -5.14 37.72
N VAL B 22 -21.42 -5.50 36.67
CA VAL B 22 -20.14 -6.19 36.84
C VAL B 22 -19.15 -5.16 37.34
N VAL B 23 -18.30 -5.57 38.26
CA VAL B 23 -17.32 -4.65 38.81
C VAL B 23 -16.20 -4.51 37.79
N PHE B 24 -15.73 -3.30 37.57
CA PHE B 24 -14.51 -3.11 36.76
C PHE B 24 -13.32 -2.94 37.71
N PRO B 25 -12.29 -3.80 37.55
CA PRO B 25 -11.20 -3.81 38.54
C PRO B 25 -10.33 -2.58 38.53
N GLU B 26 -9.77 -2.24 39.69
CA GLU B 26 -8.78 -1.19 39.81
C GLU B 26 -7.56 -1.66 39.06
N LEU B 27 -6.95 -0.78 38.26
CA LEU B 27 -5.78 -1.13 37.46
C LEU B 27 -4.53 -0.42 37.99
N PRO B 28 -3.36 -1.06 37.89
CA PRO B 28 -2.11 -0.42 38.27
C PRO B 28 -1.82 0.86 37.47
N ALA B 29 -0.90 1.67 38.00
CA ALA B 29 -0.69 3.02 37.50
C ALA B 29 -0.02 3.02 36.14
N ALA B 30 -0.53 3.88 35.27
CA ALA B 30 -0.09 3.99 33.89
C ALA B 30 1.43 3.90 33.74
N PRO B 31 1.90 3.07 32.78
CA PRO B 31 3.33 2.91 32.59
C PRO B 31 3.94 4.19 32.06
N TYR B 32 4.44 5.03 32.98
CA TYR B 32 5.19 6.27 32.71
C TYR B 32 4.46 7.59 33.07
N GLY B 33 3.22 7.82 32.62
CA GLY B 33 2.47 6.90 31.79
C GLY B 33 1.09 7.42 31.42
N GLY B 34 0.60 6.99 30.26
CA GLY B 34 -0.70 7.44 29.73
C GLY B 34 -1.86 6.54 30.09
N PRO B 35 -2.55 5.99 29.08
CA PRO B 35 -3.66 5.06 29.32
C PRO B 35 -3.30 3.81 30.10
N CYS B 36 -4.23 3.32 30.91
CA CYS B 36 -4.06 2.05 31.58
C CYS B 36 -4.20 0.92 30.59
N ARG B 37 -3.45 -0.15 30.83
CA ARG B 37 -3.64 -1.36 30.09
C ARG B 37 -4.99 -1.97 30.50
N PRO B 38 -5.84 -2.32 29.53
CA PRO B 38 -7.13 -2.89 29.94
C PRO B 38 -6.98 -4.25 30.63
N PRO B 39 -7.96 -4.63 31.47
CA PRO B 39 -7.92 -5.95 32.11
C PRO B 39 -7.98 -7.05 31.06
N GLN B 40 -7.21 -8.13 31.27
CA GLN B 40 -7.28 -9.26 30.34
C GLN B 40 -8.59 -10.00 30.53
N HIS B 41 -8.91 -10.87 29.58
CA HIS B 41 -10.10 -11.69 29.71
C HIS B 41 -9.96 -12.66 30.87
N THR B 42 -11.11 -13.08 31.40
CA THR B 42 -11.17 -14.08 32.47
C THR B 42 -10.39 -15.35 32.13
N SER B 43 -10.42 -15.73 30.86
CA SER B 43 -9.65 -16.87 30.35
C SER B 43 -8.14 -16.63 30.26
N LYS B 44 -7.72 -15.36 30.33
CA LYS B 44 -6.31 -14.96 30.19
C LYS B 44 -5.77 -15.23 28.78
N ALA B 45 -6.67 -15.32 27.80
CA ALA B 45 -6.28 -15.47 26.40
C ALA B 45 -5.61 -14.19 25.93
N ALA B 46 -4.64 -14.31 25.03
CA ALA B 46 -3.92 -13.16 24.49
C ALA B 46 -4.39 -12.93 23.06
N ALA B 47 -4.38 -11.67 22.66
CA ALA B 47 -4.82 -11.27 21.33
C ALA B 47 -3.94 -11.91 20.27
N PRO B 48 -4.54 -12.35 19.16
CA PRO B 48 -3.71 -12.87 18.09
C PRO B 48 -2.82 -11.81 17.45
N ARG B 49 -1.64 -12.23 17.01
CA ARG B 49 -0.70 -11.36 16.33
C ARG B 49 -1.14 -11.15 14.89
N ILE B 50 -1.61 -9.94 14.59
CA ILE B 50 -2.04 -9.54 13.26
C ILE B 50 -1.38 -8.22 12.91
N PRO B 51 -0.67 -8.17 11.78
CA PRO B 51 -0.07 -6.91 11.34
C PRO B 51 -1.08 -5.75 11.29
N ALA B 52 -0.60 -4.55 11.64
CA ALA B 52 -1.47 -3.36 11.67
C ALA B 52 -2.11 -3.08 10.33
N ASP B 53 -1.36 -3.27 9.24
CA ASP B 53 -1.89 -3.05 7.88
C ASP B 53 -2.93 -4.10 7.42
N ARG B 54 -3.04 -5.19 8.17
CA ARG B 54 -3.99 -6.26 7.87
C ARG B 54 -5.25 -6.25 8.73
N LEU B 55 -5.20 -5.55 9.87
CA LEU B 55 -6.37 -5.36 10.72
C LEU B 55 -7.48 -4.57 10.02
N PRO B 56 -8.75 -4.84 10.38
CA PRO B 56 -9.76 -3.86 9.99
C PRO B 56 -9.52 -2.56 10.74
N ASN B 57 -9.44 -1.44 10.02
CA ASN B 57 -9.33 -0.13 10.68
C ASN B 57 -10.59 0.20 11.51
N HIS B 58 -11.76 -0.19 10.98
CA HIS B 58 -13.05 0.13 11.59
C HIS B 58 -13.94 -1.12 11.63
N VAL B 59 -14.28 -1.58 12.83
CA VAL B 59 -15.22 -2.67 13.03
C VAL B 59 -16.56 -2.11 13.52
N ALA B 60 -17.64 -2.51 12.85
CA ALA B 60 -19.00 -2.17 13.26
C ALA B 60 -19.67 -3.44 13.78
N ILE B 61 -20.34 -3.33 14.93
CA ILE B 61 -21.01 -4.47 15.57
C ILE B 61 -22.50 -4.24 15.85
N VAL B 62 -23.33 -5.10 15.27
CA VAL B 62 -24.74 -5.17 15.60
C VAL B 62 -24.88 -6.22 16.70
N MET B 63 -25.01 -5.72 17.92
CA MET B 63 -25.11 -6.60 19.06
C MET B 63 -26.54 -7.13 19.01
N ASP B 64 -26.69 -8.46 19.04
CA ASP B 64 -28.01 -9.06 18.85
C ASP B 64 -28.14 -10.42 19.58
N GLY B 65 -29.36 -10.75 20.00
CA GLY B 65 -29.66 -12.03 20.65
C GLY B 65 -29.96 -11.96 22.14
N ASN B 66 -29.99 -10.75 22.69
CA ASN B 66 -30.27 -10.53 24.12
C ASN B 66 -31.61 -11.12 24.55
N GLY B 67 -32.65 -10.86 23.78
CA GLY B 67 -33.97 -11.42 24.05
C GLY B 67 -34.03 -12.93 24.01
N ARG B 68 -33.44 -13.53 22.97
CA ARG B 68 -33.43 -14.99 22.86
C ARG B 68 -32.66 -15.65 24.03
N TRP B 69 -31.54 -15.04 24.40
CA TRP B 69 -30.73 -15.47 25.53
C TRP B 69 -31.53 -15.53 26.83
N ALA B 70 -32.28 -14.47 27.10
CA ALA B 70 -33.13 -14.38 28.28
C ALA B 70 -34.28 -15.40 28.26
N THR B 71 -34.87 -15.58 27.09
CA THR B 71 -35.94 -16.56 26.90
C THR B 71 -35.49 -18.01 27.10
N GLN B 72 -34.25 -18.32 26.73
CA GLN B 72 -33.68 -19.66 26.96
C GLN B 72 -33.66 -20.00 28.43
N ARG B 73 -33.56 -18.98 29.29
CA ARG B 73 -33.44 -19.17 30.73
C ARG B 73 -34.68 -18.76 31.50
N GLY B 74 -35.78 -18.55 30.78
CA GLY B 74 -37.06 -18.22 31.39
C GLY B 74 -37.06 -16.87 32.09
N LEU B 75 -36.32 -15.92 31.53
CA LEU B 75 -36.17 -14.60 32.13
C LEU B 75 -36.79 -13.52 31.25
N ALA B 76 -36.95 -12.34 31.83
CA ALA B 76 -37.47 -11.18 31.11
C ALA B 76 -36.40 -10.65 30.15
N ARG B 77 -36.84 -10.15 28.99
CA ARG B 77 -35.91 -9.71 27.95
C ARG B 77 -34.88 -8.73 28.50
N THR B 78 -35.32 -7.85 29.40
CA THR B 78 -34.44 -6.81 29.89
C THR B 78 -33.28 -7.40 30.71
N GLU B 79 -33.45 -8.61 31.22
CA GLU B 79 -32.34 -9.32 31.86
C GLU B 79 -31.23 -9.63 30.86
N GLY B 80 -31.61 -9.98 29.63
CA GLY B 80 -30.63 -10.18 28.56
C GLY B 80 -29.85 -8.92 28.22
N HIS B 81 -30.54 -7.78 28.17
CA HIS B 81 -29.91 -6.47 27.92
C HIS B 81 -28.91 -6.11 29.02
N LYS B 82 -29.29 -6.38 30.26
CA LYS B 82 -28.38 -6.18 31.40
C LYS B 82 -27.06 -6.94 31.22
N MET B 83 -27.14 -8.18 30.76
CA MET B 83 -25.92 -8.99 30.58
C MET B 83 -25.07 -8.52 29.42
N GLY B 84 -25.68 -7.85 28.46
CA GLY B 84 -24.94 -7.26 27.34
C GLY B 84 -23.95 -6.15 27.69
N GLU B 85 -24.11 -5.49 28.83
CA GLU B 85 -23.24 -4.37 29.21
C GLU B 85 -21.80 -4.84 29.39
N ALA B 86 -21.60 -5.87 30.19
CA ALA B 86 -20.24 -6.40 30.40
C ALA B 86 -19.59 -6.80 29.08
N VAL B 87 -20.39 -7.37 28.18
CA VAL B 87 -19.90 -7.81 26.87
C VAL B 87 -19.40 -6.61 26.06
N VAL B 88 -20.15 -5.51 26.08
CA VAL B 88 -19.69 -4.27 25.45
C VAL B 88 -18.27 -3.89 25.98
N ILE B 89 -18.08 -3.97 27.29
CA ILE B 89 -16.84 -3.47 27.90
C ILE B 89 -15.72 -4.49 27.64
N ASP B 90 -16.06 -5.78 27.67
CA ASP B 90 -15.12 -6.84 27.32
C ASP B 90 -14.59 -6.66 25.89
N ILE B 91 -15.49 -6.32 24.98
CA ILE B 91 -15.15 -6.13 23.57
C ILE B 91 -14.34 -4.85 23.36
N ALA B 92 -14.65 -3.79 24.11
CA ALA B 92 -13.80 -2.60 24.11
C ALA B 92 -12.38 -2.95 24.57
N CYS B 93 -12.27 -3.76 25.62
CA CYS B 93 -10.98 -4.18 26.12
C CYS B 93 -10.20 -5.01 25.10
N GLY B 94 -10.90 -5.95 24.47
CA GLY B 94 -10.32 -6.82 23.45
C GLY B 94 -9.91 -6.10 22.18
N ALA B 95 -10.69 -5.10 21.81
CA ALA B 95 -10.39 -4.21 20.68
C ALA B 95 -9.10 -3.45 20.89
N ILE B 96 -8.91 -2.92 22.10
CA ILE B 96 -7.66 -2.28 22.47
C ILE B 96 -6.46 -3.25 22.44
N GLU B 97 -6.63 -4.44 23.04
CA GLU B 97 -5.58 -5.48 23.00
C GLU B 97 -5.17 -5.90 21.59
N LEU B 98 -6.12 -5.90 20.67
CA LEU B 98 -5.87 -6.31 19.28
C LEU B 98 -5.25 -5.18 18.43
N GLY B 99 -5.48 -3.94 18.84
CA GLY B 99 -5.02 -2.76 18.09
C GLY B 99 -6.03 -2.09 17.17
N ILE B 100 -7.32 -2.41 17.31
CA ILE B 100 -8.40 -1.83 16.48
C ILE B 100 -8.58 -0.34 16.81
N LYS B 101 -8.71 0.49 15.78
CA LYS B 101 -8.73 1.95 16.00
C LYS B 101 -10.13 2.56 16.04
N TRP B 102 -11.09 1.91 15.39
CA TRP B 102 -12.45 2.40 15.31
C TRP B 102 -13.41 1.26 15.58
N LEU B 103 -14.33 1.49 16.52
CA LEU B 103 -15.36 0.53 16.87
C LEU B 103 -16.70 1.25 16.94
N SER B 104 -17.68 0.75 16.19
CA SER B 104 -19.03 1.29 16.19
C SER B 104 -20.01 0.27 16.76
N LEU B 105 -20.83 0.69 17.72
CA LEU B 105 -21.75 -0.25 18.37
C LEU B 105 -23.20 0.22 18.26
N TYR B 106 -24.08 -0.68 17.84
CA TYR B 106 -25.48 -0.34 17.57
C TYR B 106 -26.31 -0.54 18.83
N ALA B 107 -26.40 0.50 19.66
CA ALA B 107 -27.05 0.40 20.96
C ALA B 107 -28.57 0.49 20.91
N PHE B 108 -29.09 1.23 19.93
CA PHE B 108 -30.53 1.42 19.80
C PHE B 108 -30.79 2.05 18.44
N SER B 109 -31.70 1.48 17.66
CA SER B 109 -31.96 1.97 16.31
C SER B 109 -33.23 2.81 16.23
N THR B 110 -33.31 3.64 15.19
CA THR B 110 -34.49 4.44 14.91
C THR B 110 -35.73 3.59 14.66
N GLU B 111 -35.56 2.28 14.47
CA GLU B 111 -36.68 1.38 14.27
C GLU B 111 -37.06 0.59 15.53
N ASN B 112 -36.23 0.67 16.58
CA ASN B 112 -36.50 -0.01 17.86
C ASN B 112 -37.64 0.64 18.66
N TRP B 113 -38.11 1.80 18.20
CA TRP B 113 -39.29 2.43 18.80
C TRP B 113 -40.56 1.57 18.61
N LYS B 114 -40.48 0.59 17.71
CA LYS B 114 -41.55 -0.37 17.47
C LYS B 114 -41.73 -1.34 18.64
N ARG B 115 -40.74 -1.41 19.52
CA ARG B 115 -40.78 -2.29 20.67
C ARG B 115 -41.75 -1.79 21.74
N SER B 116 -42.03 -2.62 22.74
CA SER B 116 -42.99 -2.28 23.76
C SER B 116 -42.55 -1.03 24.52
N PRO B 117 -43.52 -0.22 25.00
CA PRO B 117 -43.16 0.94 25.82
C PRO B 117 -42.24 0.55 26.99
N GLU B 118 -42.53 -0.58 27.61
CA GLU B 118 -41.74 -1.06 28.74
C GLU B 118 -40.28 -1.30 28.34
N GLU B 119 -40.08 -2.00 27.23
CA GLU B 119 -38.71 -2.27 26.76
C GLU B 119 -37.98 -1.01 26.30
N VAL B 120 -38.70 -0.13 25.61
CA VAL B 120 -38.07 1.07 25.08
C VAL B 120 -37.62 1.97 26.24
N ARG B 121 -38.52 2.18 27.19
CA ARG B 121 -38.20 2.90 28.42
C ARG B 121 -36.97 2.31 29.14
N PHE B 122 -36.94 0.99 29.24
CA PHE B 122 -35.80 0.33 29.86
C PHE B 122 -34.52 0.58 29.10
N LEU B 123 -34.56 0.41 27.78
CA LEU B 123 -33.35 0.60 26.97
C LEU B 123 -32.84 2.04 27.03
N MET B 124 -33.75 3.01 27.08
CA MET B 124 -33.32 4.40 27.21
C MET B 124 -32.62 4.64 28.55
N GLY B 125 -33.23 4.19 29.62
CA GLY B 125 -32.66 4.39 30.96
C GLY B 125 -31.38 3.61 31.14
N PHE B 126 -31.34 2.42 30.54
CA PHE B 126 -30.18 1.56 30.68
C PHE B 126 -28.98 2.13 29.92
N ASN B 127 -29.22 2.64 28.71
CA ASN B 127 -28.17 3.25 27.95
C ASN B 127 -27.57 4.49 28.62
N ARG B 128 -28.45 5.33 29.16
CA ARG B 128 -28.07 6.48 30.00
C ARG B 128 -27.21 6.02 31.18
N ASP B 129 -27.65 4.98 31.89
CA ASP B 129 -26.93 4.47 33.05
C ASP B 129 -25.55 3.89 32.67
N VAL B 130 -25.50 3.08 31.62
CA VAL B 130 -24.24 2.46 31.16
C VAL B 130 -23.19 3.51 30.88
N VAL B 131 -23.58 4.59 30.23
CA VAL B 131 -22.63 5.66 29.89
C VAL B 131 -22.05 6.33 31.10
N ARG B 132 -22.90 6.72 32.05
CA ARG B 132 -22.37 7.28 33.29
C ARG B 132 -21.51 6.27 34.05
N ARG B 133 -21.98 5.03 34.14
CA ARG B 133 -21.27 3.98 34.85
C ARG B 133 -19.90 3.64 34.25
N ARG B 134 -19.75 3.81 32.94
CA ARG B 134 -18.54 3.29 32.26
C ARG B 134 -17.58 4.33 31.71
N ARG B 135 -17.98 5.60 31.68
CA ARG B 135 -17.17 6.59 30.99
C ARG B 135 -15.84 6.92 31.71
N ASP B 136 -15.78 6.82 33.04
CA ASP B 136 -14.53 7.06 33.77
C ASP B 136 -13.49 6.00 33.36
N THR B 137 -13.93 4.74 33.34
CA THR B 137 -13.09 3.61 32.92
C THR B 137 -12.65 3.78 31.46
N LEU B 138 -13.60 4.09 30.60
CA LEU B 138 -13.27 4.30 29.19
C LEU B 138 -12.24 5.42 29.02
N LYS B 139 -12.36 6.49 29.81
CA LYS B 139 -11.38 7.58 29.73
C LYS B 139 -9.98 7.09 30.07
N LYS B 140 -9.86 6.35 31.18
CA LYS B 140 -8.57 5.86 31.64
C LYS B 140 -7.92 4.87 30.68
N LEU B 141 -8.73 4.16 29.89
CA LEU B 141 -8.23 3.20 28.91
C LEU B 141 -7.81 3.87 27.59
N GLY B 142 -7.99 5.18 27.49
CA GLY B 142 -7.65 5.92 26.26
C GLY B 142 -8.71 5.83 25.19
N VAL B 143 -9.94 5.46 25.58
CA VAL B 143 -11.06 5.41 24.64
C VAL B 143 -11.57 6.81 24.39
N ARG B 144 -11.80 7.15 23.11
CA ARG B 144 -12.53 8.35 22.74
C ARG B 144 -13.92 7.89 22.38
N ILE B 145 -14.92 8.31 23.13
CA ILE B 145 -16.27 7.83 22.95
C ILE B 145 -17.23 9.02 22.74
N ARG B 146 -18.19 8.85 21.84
CA ARG B 146 -19.20 9.89 21.61
C ARG B 146 -20.47 9.31 21.02
N TRP B 147 -21.54 10.08 21.10
CA TRP B 147 -22.85 9.70 20.56
C TRP B 147 -22.90 9.82 19.04
N VAL B 148 -23.51 8.83 18.40
CA VAL B 148 -23.93 8.89 17.00
C VAL B 148 -25.41 8.49 16.91
N GLY B 149 -26.23 9.38 16.41
CA GLY B 149 -27.64 9.10 16.32
C GLY B 149 -28.45 10.33 16.02
N SER B 150 -29.75 10.16 15.99
CA SER B 150 -30.64 11.26 15.67
C SER B 150 -31.38 11.71 16.94
N ARG B 151 -31.69 12.99 16.98
CA ARG B 151 -32.25 13.64 18.17
C ARG B 151 -33.70 13.32 18.50
N PRO B 152 -34.61 13.39 17.50
CA PRO B 152 -36.02 13.23 17.82
C PRO B 152 -36.35 11.89 18.50
N ARG B 153 -37.17 11.99 19.55
CA ARG B 153 -37.59 10.87 20.41
C ARG B 153 -36.55 10.43 21.44
N LEU B 154 -35.27 10.51 21.10
CA LEU B 154 -34.24 10.05 22.01
C LEU B 154 -34.24 10.84 23.30
N TRP B 155 -34.15 10.12 24.43
CA TRP B 155 -34.17 10.76 25.73
C TRP B 155 -33.00 11.72 25.91
N ARG B 156 -33.30 12.93 26.36
CA ARG B 156 -32.25 13.95 26.56
C ARG B 156 -31.21 13.49 27.58
N SER B 157 -31.60 12.65 28.53
CA SER B 157 -30.65 12.14 29.53
C SER B 157 -29.55 11.30 28.85
N VAL B 158 -29.92 10.55 27.82
CA VAL B 158 -28.98 9.68 27.12
C VAL B 158 -27.94 10.52 26.38
N ILE B 159 -28.42 11.56 25.70
CA ILE B 159 -27.57 12.50 24.99
C ILE B 159 -26.64 13.23 25.98
N ASN B 160 -27.20 13.65 27.11
CA ASN B 160 -26.44 14.36 28.15
C ASN B 160 -25.28 13.54 28.71
N GLU B 161 -25.55 12.30 29.13
CA GLU B 161 -24.47 11.43 29.63
C GLU B 161 -23.37 11.26 28.56
N LEU B 162 -23.78 11.16 27.31
CA LEU B 162 -22.81 10.98 26.21
C LEU B 162 -22.04 12.26 25.88
N ALA B 163 -22.65 13.42 26.08
CA ALA B 163 -21.97 14.72 25.90
C ALA B 163 -20.84 14.88 26.93
N VAL B 164 -21.12 14.44 28.16
CA VAL B 164 -20.11 14.43 29.21
C VAL B 164 -18.99 13.47 28.81
N ALA B 165 -19.35 12.25 28.43
CA ALA B 165 -18.37 11.26 27.96
C ALA B 165 -17.50 11.78 26.80
N GLU B 166 -18.14 12.50 25.89
CA GLU B 166 -17.45 13.06 24.73
C GLU B 166 -16.44 14.14 25.14
N GLU B 167 -16.88 15.06 25.99
CA GLU B 167 -16.00 16.11 26.43
C GLU B 167 -14.84 15.53 27.25
N MET B 168 -15.12 14.53 28.10
CA MET B 168 -14.08 13.92 28.95
C MET B 168 -12.99 13.20 28.16
N THR B 169 -13.34 12.66 27.00
CA THR B 169 -12.46 11.77 26.26
C THR B 169 -12.00 12.33 24.93
N LYS B 170 -12.25 13.62 24.67
CA LYS B 170 -12.04 14.16 23.31
C LYS B 170 -10.58 14.15 22.84
N SER B 171 -9.66 14.14 23.80
CA SER B 171 -8.23 14.12 23.51
C SER B 171 -7.62 12.71 23.54
N ASN B 172 -8.44 11.69 23.74
CA ASN B 172 -7.93 10.32 23.78
C ASN B 172 -7.75 9.81 22.38
N ASP B 173 -6.85 8.84 22.22
CA ASP B 173 -6.57 8.27 20.89
C ASP B 173 -6.21 6.79 20.81
N VAL B 174 -6.44 6.01 21.86
CA VAL B 174 -6.18 4.57 21.77
C VAL B 174 -7.13 3.94 20.77
N ILE B 175 -8.40 4.30 20.89
CA ILE B 175 -9.49 3.77 20.07
C ILE B 175 -10.65 4.76 20.12
N THR B 176 -11.38 4.89 19.01
CA THR B 176 -12.60 5.68 19.01
C THR B 176 -13.80 4.75 18.98
N ILE B 177 -14.72 4.96 19.93
CA ILE B 177 -15.97 4.20 19.96
C ILE B 177 -17.16 5.09 19.63
N ASN B 178 -17.85 4.74 18.55
CA ASN B 178 -19.10 5.37 18.16
C ASN B 178 -20.21 4.65 18.85
N TYR B 179 -20.81 5.32 19.82
CA TYR B 179 -21.88 4.73 20.61
C TYR B 179 -23.22 5.19 20.02
N CYS B 180 -23.76 4.32 19.18
CA CYS B 180 -24.86 4.62 18.29
C CYS B 180 -26.20 4.33 18.93
N VAL B 181 -26.91 5.40 19.28
CA VAL B 181 -28.17 5.31 20.01
C VAL B 181 -29.19 6.19 19.32
N ASN B 182 -30.34 5.62 19.00
CA ASN B 182 -31.32 6.20 18.07
C ASN B 182 -30.70 6.51 16.71
N TYR B 183 -29.92 5.55 16.22
CA TYR B 183 -29.19 5.67 15.01
C TYR B 183 -30.00 4.99 13.91
N GLY B 184 -30.05 5.61 12.73
CA GLY B 184 -30.62 4.99 11.53
C GLY B 184 -29.87 5.46 10.31
N GLY B 185 -29.38 4.52 9.50
CA GLY B 185 -28.56 4.86 8.34
C GLY B 185 -29.28 5.79 7.37
N ARG B 186 -30.48 5.43 6.98
CA ARG B 186 -31.29 6.29 6.12
C ARG B 186 -31.56 7.64 6.76
N THR B 187 -31.85 7.67 8.06
CA THR B 187 -32.12 8.95 8.75
C THR B 187 -30.89 9.87 8.73
N GLU B 188 -29.73 9.27 8.95
CA GLU B 188 -28.48 10.01 9.00
C GLU B 188 -28.14 10.68 7.67
N ILE B 189 -28.34 9.95 6.58
CA ILE B 189 -28.19 10.51 5.23
C ILE B 189 -29.21 11.61 4.94
N THR B 190 -30.47 11.39 5.33
CA THR B 190 -31.49 12.42 5.16
C THR B 190 -31.12 13.72 5.89
N GLU B 191 -30.54 13.58 7.09
CA GLU B 191 -30.12 14.72 7.89
C GLU B 191 -28.95 15.47 7.24
N ALA B 192 -28.02 14.73 6.66
CA ALA B 192 -26.93 15.33 5.88
C ALA B 192 -27.49 16.12 4.68
N THR B 193 -28.47 15.52 3.99
CA THR B 193 -29.13 16.19 2.88
C THR B 193 -29.83 17.49 3.32
N ARG B 194 -30.49 17.45 4.48
CA ARG B 194 -31.11 18.67 5.05
C ARG B 194 -30.07 19.76 5.32
N GLU B 195 -28.97 19.38 5.98
CA GLU B 195 -27.89 20.33 6.22
C GLU B 195 -27.45 20.99 4.91
N ILE B 196 -27.17 20.16 3.90
CA ILE B 196 -26.74 20.63 2.57
C ILE B 196 -27.76 21.58 1.98
N ALA B 197 -29.03 21.20 2.07
CA ALA B 197 -30.14 22.02 1.56
C ALA B 197 -30.23 23.39 2.26
N ARG B 198 -29.88 23.44 3.55
CA ARG B 198 -29.91 24.69 4.29
C ARG B 198 -28.81 25.64 3.84
N GLU B 199 -27.62 25.11 3.63
CA GLU B 199 -26.49 25.90 3.15
C GLU B 199 -26.75 26.43 1.74
N VAL B 200 -27.40 25.61 0.92
CA VAL B 200 -27.85 26.03 -0.40
C VAL B 200 -28.83 27.20 -0.31
N ALA B 201 -29.85 27.06 0.52
CA ALA B 201 -30.87 28.10 0.67
C ALA B 201 -30.29 29.41 1.22
N ALA B 202 -29.24 29.31 2.03
CA ALA B 202 -28.49 30.47 2.49
C ALA B 202 -27.50 30.98 1.44
N GLY B 203 -27.39 30.26 0.32
CA GLY B 203 -26.53 30.68 -0.78
C GLY B 203 -25.06 30.42 -0.53
N ARG B 204 -24.76 29.53 0.41
CA ARG B 204 -23.38 29.22 0.78
C ARG B 204 -22.86 27.96 0.07
N LEU B 205 -23.73 27.30 -0.71
CA LEU B 205 -23.36 26.08 -1.42
C LEU B 205 -24.03 26.02 -2.78
N ASN B 206 -23.22 25.86 -3.83
CA ASN B 206 -23.70 25.68 -5.19
C ASN B 206 -24.08 24.21 -5.36
N PRO B 207 -25.34 23.93 -5.71
CA PRO B 207 -25.77 22.54 -5.96
C PRO B 207 -24.86 21.77 -6.94
N GLU B 208 -24.35 22.46 -7.96
CA GLU B 208 -23.55 21.81 -9.00
C GLU B 208 -22.20 21.30 -8.51
N ARG B 209 -21.76 21.72 -7.33
CA ARG B 209 -20.47 21.30 -6.79
C ARG B 209 -20.62 20.28 -5.66
N ILE B 210 -21.82 19.71 -5.53
CA ILE B 210 -22.09 18.66 -4.56
C ILE B 210 -21.48 17.36 -5.08
N THR B 211 -20.76 16.65 -4.22
CA THR B 211 -20.17 15.37 -4.57
C THR B 211 -20.38 14.38 -3.44
N GLU B 212 -19.89 13.16 -3.63
CA GLU B 212 -20.00 12.15 -2.60
C GLU B 212 -19.36 12.63 -1.30
N SER B 213 -18.23 13.33 -1.40
CA SER B 213 -17.57 13.89 -0.22
C SER B 213 -18.40 14.97 0.49
N THR B 214 -19.21 15.72 -0.27
CA THR B 214 -20.11 16.72 0.32
C THR B 214 -21.06 16.06 1.31
N ILE B 215 -21.58 14.89 0.94
CA ILE B 215 -22.45 14.13 1.82
C ILE B 215 -21.64 13.65 3.01
N ALA B 216 -20.46 13.06 2.75
CA ALA B 216 -19.59 12.57 3.83
C ALA B 216 -19.24 13.68 4.84
N ARG B 217 -18.96 14.87 4.34
CA ARG B 217 -18.67 16.04 5.17
C ARG B 217 -19.86 16.52 6.00
N HIS B 218 -21.08 16.17 5.59
CA HIS B 218 -22.28 16.70 6.25
C HIS B 218 -23.03 15.66 7.12
N LEU B 219 -22.47 14.47 7.27
CA LEU B 219 -22.99 13.49 8.23
C LEU B 219 -22.70 13.99 9.63
N GLN B 220 -23.42 13.44 10.61
CA GLN B 220 -23.30 13.92 11.98
C GLN B 220 -21.85 13.93 12.48
N ARG B 221 -21.14 12.83 12.21
CA ARG B 221 -19.77 12.64 12.63
C ARG B 221 -18.94 12.39 11.38
N PRO B 222 -18.51 13.46 10.71
CA PRO B 222 -17.82 13.32 9.44
C PRO B 222 -16.45 12.62 9.48
N ASP B 223 -15.86 12.48 10.67
CA ASP B 223 -14.58 11.76 10.81
C ASP B 223 -14.67 10.23 10.80
N ILE B 224 -15.87 9.66 10.79
CA ILE B 224 -15.97 8.21 10.86
C ILE B 224 -15.51 7.59 9.55
N PRO B 225 -14.48 6.73 9.59
CA PRO B 225 -14.04 6.17 8.31
C PRO B 225 -14.94 5.03 7.86
N ASP B 226 -14.75 4.57 6.63
CA ASP B 226 -15.52 3.43 6.15
C ASP B 226 -15.40 2.23 7.09
N VAL B 227 -16.49 1.47 7.20
CA VAL B 227 -16.48 0.21 7.92
C VAL B 227 -15.79 -0.84 7.07
N ASP B 228 -14.73 -1.42 7.63
CA ASP B 228 -14.04 -2.52 7.00
C ASP B 228 -14.67 -3.87 7.29
N LEU B 229 -15.02 -4.08 8.55
CA LEU B 229 -15.58 -5.34 9.01
C LEU B 229 -16.87 -5.08 9.77
N PHE B 230 -17.94 -5.71 9.28
CA PHE B 230 -19.28 -5.58 9.85
C PHE B 230 -19.66 -6.92 10.47
N LEU B 231 -19.90 -6.90 11.77
CA LEU B 231 -20.21 -8.08 12.56
C LEU B 231 -21.65 -8.04 13.03
N ARG B 232 -22.30 -9.18 13.06
CA ARG B 232 -23.55 -9.30 13.77
C ARG B 232 -23.66 -10.67 14.42
N THR B 233 -24.16 -10.67 15.65
CA THR B 233 -24.31 -11.88 16.45
C THR B 233 -25.73 -12.44 16.33
N SER B 234 -25.91 -13.61 16.94
CA SER B 234 -27.19 -14.32 17.02
C SER B 234 -27.54 -15.12 15.76
N GLY B 235 -26.75 -14.99 14.70
CA GLY B 235 -27.00 -15.74 13.47
C GLY B 235 -27.86 -15.02 12.45
N GLU B 236 -28.26 -13.79 12.76
CA GLU B 236 -29.02 -12.98 11.81
C GLU B 236 -28.08 -12.42 10.78
N GLN B 237 -28.47 -12.52 9.51
CA GLN B 237 -27.63 -12.08 8.41
C GLN B 237 -28.27 -10.88 7.73
N ARG B 238 -28.12 -9.73 8.38
CA ARG B 238 -28.68 -8.46 7.92
C ARG B 238 -27.95 -7.30 8.59
N SER B 239 -27.88 -6.14 7.91
CA SER B 239 -27.20 -4.97 8.48
C SER B 239 -28.18 -4.08 9.27
N SER B 240 -29.47 -4.23 8.99
CA SER B 240 -30.52 -3.50 9.67
C SER B 240 -30.20 -2.00 9.79
N ASN B 241 -29.85 -1.35 8.69
CA ASN B 241 -29.76 0.11 8.64
C ASN B 241 -28.59 0.69 9.45
N PHE B 242 -27.63 -0.13 9.85
CA PHE B 242 -26.52 0.32 10.68
C PHE B 242 -25.36 0.77 9.81
N MET B 243 -24.80 1.94 10.11
CA MET B 243 -23.66 2.49 9.34
C MET B 243 -23.88 2.36 7.83
N LEU B 244 -25.06 2.77 7.39
CA LEU B 244 -25.48 2.51 6.01
C LEU B 244 -24.51 3.11 5.00
N TRP B 245 -24.27 4.41 5.10
CA TRP B 245 -23.36 5.06 4.15
C TRP B 245 -21.95 4.53 4.29
N GLN B 246 -21.51 4.40 5.54
CA GLN B 246 -20.14 4.05 5.87
C GLN B 246 -19.77 2.60 5.57
N ALA B 247 -20.76 1.72 5.54
CA ALA B 247 -20.52 0.29 5.40
C ALA B 247 -20.73 -0.23 3.95
N ALA B 248 -20.88 0.70 3.01
CA ALA B 248 -21.10 0.37 1.61
C ALA B 248 -20.13 -0.68 1.06
N TYR B 249 -18.88 -0.62 1.51
CA TYR B 249 -17.84 -1.56 1.03
C TYR B 249 -17.35 -2.51 2.12
N ALA B 250 -18.12 -2.66 3.20
CA ALA B 250 -17.71 -3.52 4.30
C ALA B 250 -17.77 -4.99 3.93
N GLU B 251 -16.90 -5.77 4.58
CA GLU B 251 -17.01 -7.21 4.59
C GLU B 251 -17.88 -7.60 5.79
N TYR B 252 -18.79 -8.53 5.56
CA TYR B 252 -19.64 -9.07 6.62
C TYR B 252 -19.16 -10.42 7.16
N ILE B 253 -19.21 -10.54 8.48
CA ILE B 253 -19.00 -11.83 9.15
C ILE B 253 -20.10 -11.97 10.18
N PHE B 254 -20.89 -13.02 10.03
CA PHE B 254 -22.01 -13.28 10.90
C PHE B 254 -21.67 -14.44 11.82
N GLN B 255 -21.80 -14.22 13.12
CA GLN B 255 -21.45 -15.22 14.12
C GLN B 255 -22.71 -15.65 14.86
N ASP B 256 -22.83 -16.94 15.15
CA ASP B 256 -24.09 -17.46 15.69
C ASP B 256 -24.35 -17.14 17.16
N LYS B 257 -23.28 -17.05 17.96
CA LYS B 257 -23.41 -16.74 19.39
C LYS B 257 -24.37 -15.60 19.63
N LEU B 258 -25.25 -15.77 20.62
CA LEU B 258 -26.08 -14.68 21.14
C LEU B 258 -25.17 -13.71 21.90
N TRP B 259 -25.50 -12.41 21.86
CA TRP B 259 -24.64 -11.36 22.42
C TRP B 259 -24.21 -11.58 23.89
N PRO B 260 -25.14 -11.90 24.80
CA PRO B 260 -24.71 -12.13 26.18
C PRO B 260 -23.68 -13.26 26.38
N ASP B 261 -23.55 -14.16 25.41
CA ASP B 261 -22.56 -15.24 25.42
C ASP B 261 -21.25 -14.87 24.71
N TYR B 262 -21.20 -13.70 24.08
CA TYR B 262 -20.06 -13.29 23.25
C TYR B 262 -18.94 -12.79 24.16
N ASP B 263 -17.70 -12.91 23.72
CA ASP B 263 -16.58 -12.37 24.48
C ASP B 263 -15.46 -11.96 23.51
N ARG B 264 -14.41 -11.34 24.06
CA ARG B 264 -13.40 -10.70 23.21
C ARG B 264 -12.70 -11.69 22.27
N ARG B 265 -12.64 -12.97 22.66
CA ARG B 265 -12.06 -14.02 21.82
C ARG B 265 -12.84 -14.19 20.51
N ASP B 266 -14.15 -13.98 20.59
CA ASP B 266 -15.02 -14.04 19.41
C ASP B 266 -14.77 -12.87 18.47
N LEU B 267 -14.57 -11.68 19.03
CA LEU B 267 -14.15 -10.52 18.23
C LEU B 267 -12.85 -10.84 17.50
N TRP B 268 -11.90 -11.40 18.24
CA TRP B 268 -10.58 -11.71 17.71
C TRP B 268 -10.66 -12.73 16.56
N ALA B 269 -11.47 -13.78 16.76
CA ALA B 269 -11.66 -14.80 15.74
C ALA B 269 -12.16 -14.22 14.41
N ALA B 270 -13.14 -13.31 14.48
CA ALA B 270 -13.65 -12.62 13.28
C ALA B 270 -12.57 -11.71 12.65
N CYS B 271 -11.86 -10.94 13.47
CA CYS B 271 -10.80 -10.08 12.94
C CYS B 271 -9.70 -10.91 12.25
N GLU B 272 -9.35 -12.05 12.83
CA GLU B 272 -8.32 -12.93 12.27
C GLU B 272 -8.80 -13.53 10.93
N GLU B 273 -10.07 -13.92 10.87
CA GLU B 273 -10.71 -14.39 9.62
C GLU B 273 -10.61 -13.33 8.53
N TYR B 274 -10.92 -12.11 8.92
CA TYR B 274 -10.85 -10.97 8.02
C TYR B 274 -9.42 -10.71 7.58
N ALA B 275 -8.50 -10.69 8.53
CA ALA B 275 -7.10 -10.33 8.26
C ALA B 275 -6.38 -11.34 7.39
N SER B 276 -6.76 -12.60 7.52
CA SER B 276 -6.01 -13.69 6.91
C SER B 276 -6.39 -14.01 5.47
N ARG B 277 -7.54 -13.52 4.99
CA ARG B 277 -7.93 -13.76 3.60
C ARG B 277 -7.08 -12.92 2.65
N THR B 278 -6.81 -13.45 1.46
CA THR B 278 -6.16 -12.65 0.42
C THR B 278 -7.05 -11.45 0.13
N ARG B 279 -6.47 -10.26 0.13
CA ARG B 279 -7.24 -9.04 -0.05
C ARG B 279 -7.26 -8.79 -1.56
N ARG B 280 -8.36 -9.19 -2.19
CA ARG B 280 -8.39 -9.24 -3.65
C ARG B 280 -8.67 -7.87 -4.25
N PHE B 281 -8.46 -7.76 -5.54
CA PHE B 281 -8.75 -6.53 -6.26
C PHE B 281 -10.19 -6.16 -5.96
N GLY B 282 -10.42 -4.88 -5.70
CA GLY B 282 -11.74 -4.39 -5.27
C GLY B 282 -11.79 -4.06 -3.78
N SER B 283 -10.94 -4.71 -2.99
CA SER B 283 -11.03 -4.57 -1.53
C SER B 283 -9.92 -3.68 -0.95
N ALA B 284 -10.31 -2.69 -0.14
CA ALA B 284 -9.36 -1.86 0.61
C ALA B 284 -8.63 -2.68 1.67
N PHE C 1 30.97 20.00 22.00
CA PHE C 1 29.58 20.24 21.53
C PHE C 1 29.20 19.40 20.31
N PRO C 2 29.96 18.31 20.00
CA PRO C 2 31.17 17.72 20.57
C PRO C 2 32.46 18.16 19.85
N GLN C 3 32.51 19.43 19.46
CA GLN C 3 33.67 19.98 18.76
C GLN C 3 34.74 20.36 19.77
N LEU C 4 35.99 20.41 19.31
CA LEU C 4 37.06 20.95 20.14
C LEU C 4 36.91 22.47 20.18
N PRO C 5 37.09 23.09 21.35
CA PRO C 5 37.06 24.56 21.31
C PRO C 5 38.18 25.10 20.42
N PRO C 6 38.02 26.31 19.87
CA PRO C 6 39.01 26.88 18.95
C PRO C 6 40.44 26.77 19.49
N ALA C 7 41.42 26.67 18.60
CA ALA C 7 42.82 26.55 18.99
C ALA C 7 43.38 27.90 19.44
N PRO C 8 44.33 27.89 20.40
CA PRO C 8 45.07 29.11 20.70
C PRO C 8 45.76 29.63 19.44
N ASP C 9 45.70 30.94 19.22
CA ASP C 9 46.27 31.55 18.02
C ASP C 9 47.64 30.98 17.65
N ASP C 10 48.47 30.74 18.67
CA ASP C 10 49.85 30.28 18.46
C ASP C 10 49.97 28.77 18.25
N TYR C 11 48.88 28.02 18.40
CA TYR C 11 48.93 26.55 18.28
C TYR C 11 49.38 26.15 16.88
N PRO C 12 50.24 25.11 16.76
CA PRO C 12 50.81 24.77 15.46
C PRO C 12 49.75 24.49 14.37
N THR C 13 50.11 24.81 13.13
CA THR C 13 49.21 24.66 12.00
C THR C 13 49.63 23.51 11.08
N PHE C 14 48.80 23.21 10.09
CA PHE C 14 49.05 22.14 9.12
C PHE C 14 48.03 22.30 7.98
N PRO C 15 48.43 22.01 6.73
CA PRO C 15 49.75 21.63 6.20
C PRO C 15 50.61 22.79 5.68
N ASP C 16 51.91 22.68 5.90
CA ASP C 16 52.91 23.58 5.29
C ASP C 16 53.43 22.87 4.04
N THR C 17 52.97 23.30 2.87
CA THR C 17 53.33 22.64 1.61
C THR C 17 54.62 23.18 0.97
N SER C 18 55.48 23.82 1.77
CA SER C 18 56.77 24.31 1.27
C SER C 18 57.76 23.18 0.99
N THR C 19 57.45 21.98 1.51
CA THR C 19 58.26 20.78 1.27
C THR C 19 57.34 19.59 1.03
N TRP C 20 57.87 18.56 0.36
CA TRP C 20 57.19 17.27 0.29
C TRP C 20 58.17 16.13 0.67
N PRO C 21 57.74 15.19 1.54
CA PRO C 21 56.47 15.16 2.27
C PRO C 21 56.34 16.30 3.26
N VAL C 22 55.11 16.63 3.58
CA VAL C 22 54.79 17.72 4.50
C VAL C 22 55.18 17.28 5.91
N VAL C 23 56.03 18.07 6.57
CA VAL C 23 56.47 17.76 7.92
C VAL C 23 55.37 18.06 8.93
N PHE C 24 54.84 17.02 9.55
CA PHE C 24 53.83 17.19 10.57
C PHE C 24 54.51 17.81 11.79
N PRO C 25 53.96 18.94 12.30
CA PRO C 25 54.65 19.69 13.33
C PRO C 25 54.64 19.02 14.71
N GLU C 26 55.66 19.34 15.51
CA GLU C 26 55.72 18.90 16.89
C GLU C 26 54.54 19.56 17.61
N LEU C 27 53.91 18.82 18.52
CA LEU C 27 52.76 19.34 19.28
C LEU C 27 53.10 19.42 20.77
N PRO C 28 52.61 20.46 21.45
CA PRO C 28 52.70 20.47 22.92
C PRO C 28 51.91 19.32 23.53
N ALA C 29 52.30 18.88 24.73
CA ALA C 29 51.74 17.67 25.34
C ALA C 29 50.34 17.90 25.91
N ALA C 30 50.22 18.93 26.75
CA ALA C 30 49.01 19.19 27.52
C ALA C 30 48.57 17.98 28.38
N PRO C 31 49.40 17.63 29.39
CA PRO C 31 49.04 16.61 30.38
C PRO C 31 48.49 17.23 31.69
N TYR C 32 47.85 16.44 32.55
CA TYR C 32 47.62 15.01 32.34
C TYR C 32 46.48 14.75 31.37
N GLY C 33 46.77 13.94 30.36
CA GLY C 33 45.81 13.59 29.33
C GLY C 33 46.36 12.45 28.50
N GLY C 34 45.81 12.29 27.29
CA GLY C 34 46.30 11.28 26.36
C GLY C 34 46.60 11.92 25.03
N PRO C 35 45.61 11.95 24.13
CA PRO C 35 45.84 12.41 22.78
C PRO C 35 46.15 13.91 22.68
N CYS C 36 47.06 14.24 21.77
CA CYS C 36 47.40 15.63 21.48
C CYS C 36 46.32 16.26 20.63
N ARG C 37 46.10 17.55 20.85
CA ARG C 37 45.14 18.29 20.04
C ARG C 37 45.68 18.41 18.62
N PRO C 38 44.88 18.04 17.61
CA PRO C 38 45.44 18.10 16.26
C PRO C 38 45.88 19.52 15.90
N PRO C 39 46.90 19.65 15.03
CA PRO C 39 47.25 20.97 14.56
C PRO C 39 46.08 21.66 13.89
N GLN C 40 45.99 22.95 14.12
CA GLN C 40 45.04 23.86 13.50
C GLN C 40 45.31 23.94 11.98
N HIS C 41 44.28 24.22 11.16
CA HIS C 41 44.52 24.46 9.73
C HIS C 41 45.35 25.73 9.52
N THR C 42 46.07 25.77 8.39
CA THR C 42 46.88 26.93 7.98
C THR C 42 46.13 28.27 8.09
N SER C 43 44.87 28.28 7.69
CA SER C 43 44.04 29.49 7.69
C SER C 43 43.54 29.84 9.10
N LYS C 44 43.71 28.90 10.04
CA LYS C 44 43.34 29.06 11.44
C LYS C 44 41.84 29.04 11.68
N ALA C 45 41.08 28.59 10.68
CA ALA C 45 39.63 28.51 10.76
C ALA C 45 39.19 27.52 11.84
N ALA C 46 38.01 27.76 12.41
CA ALA C 46 37.47 26.92 13.48
C ALA C 46 36.32 26.04 12.99
N ALA C 47 36.23 24.82 13.55
CA ALA C 47 35.15 23.91 13.23
C ALA C 47 33.82 24.55 13.59
N PRO C 48 32.81 24.38 12.72
CA PRO C 48 31.49 24.96 12.98
C PRO C 48 30.79 24.26 14.14
N ARG C 49 29.91 24.98 14.83
CA ARG C 49 29.16 24.42 15.96
C ARG C 49 27.99 23.56 15.50
N ILE C 50 28.26 22.29 15.19
CA ILE C 50 27.21 21.36 14.78
C ILE C 50 26.80 20.50 15.98
N PRO C 51 25.50 20.47 16.30
CA PRO C 51 25.08 19.65 17.45
C PRO C 51 25.25 18.15 17.21
N ALA C 52 25.45 17.39 18.29
CA ALA C 52 25.70 15.95 18.22
C ALA C 52 24.67 15.23 17.36
N ASP C 53 23.40 15.58 17.55
CA ASP C 53 22.29 14.91 16.86
C ASP C 53 22.19 15.19 15.36
N ARG C 54 22.94 16.18 14.88
CA ARG C 54 22.92 16.56 13.46
C ARG C 54 24.27 16.34 12.78
N LEU C 55 25.24 15.85 13.54
CA LEU C 55 26.57 15.55 13.03
C LEU C 55 26.60 14.11 12.52
N PRO C 56 27.28 13.84 11.39
CA PRO C 56 27.44 12.45 10.96
C PRO C 56 28.40 11.68 11.86
N ASN C 57 27.96 10.51 12.33
CA ASN C 57 28.79 9.59 13.11
C ASN C 57 29.92 9.02 12.26
N HIS C 58 29.57 8.63 11.03
CA HIS C 58 30.49 7.97 10.12
C HIS C 58 30.46 8.64 8.76
N VAL C 59 31.60 9.20 8.36
CA VAL C 59 31.80 9.82 7.05
C VAL C 59 32.72 8.92 6.23
N ALA C 60 32.29 8.63 5.01
CA ALA C 60 33.07 7.89 4.00
C ALA C 60 33.47 8.83 2.88
N ILE C 61 34.75 8.82 2.51
CA ILE C 61 35.25 9.73 1.48
C ILE C 61 35.88 8.95 0.35
N VAL C 62 35.38 9.18 -0.87
CA VAL C 62 36.05 8.74 -2.08
C VAL C 62 36.87 9.92 -2.60
N MET C 63 38.19 9.83 -2.41
CA MET C 63 39.09 10.89 -2.79
C MET C 63 39.33 10.79 -4.29
N ASP C 64 39.08 11.88 -5.01
CA ASP C 64 39.09 11.84 -6.47
C ASP C 64 39.57 13.15 -7.07
N GLY C 65 40.17 13.07 -8.25
CA GLY C 65 40.66 14.25 -8.96
C GLY C 65 42.16 14.45 -9.01
N ASN C 66 42.94 13.50 -8.48
CA ASN C 66 44.41 13.64 -8.46
C ASN C 66 45.04 13.77 -9.84
N GLY C 67 44.57 12.94 -10.77
CA GLY C 67 45.08 12.89 -12.12
C GLY C 67 44.75 14.15 -12.89
N ARG C 68 43.50 14.58 -12.82
CA ARG C 68 43.10 15.85 -13.43
C ARG C 68 43.89 17.01 -12.86
N TRP C 69 44.11 17.00 -11.54
CA TRP C 69 44.85 18.09 -10.89
C TRP C 69 46.25 18.19 -11.46
N ALA C 70 46.92 17.04 -11.60
CA ALA C 70 48.27 16.97 -12.16
C ALA C 70 48.33 17.47 -13.61
N THR C 71 47.35 17.04 -14.41
CA THR C 71 47.23 17.38 -15.83
C THR C 71 47.02 18.87 -16.07
N GLN C 72 46.27 19.52 -15.19
CA GLN C 72 46.05 20.98 -15.25
C GLN C 72 47.39 21.73 -15.23
N ARG C 73 48.40 21.11 -14.61
CA ARG C 73 49.71 21.70 -14.41
C ARG C 73 50.80 20.97 -15.20
N GLY C 74 50.43 20.17 -16.19
CA GLY C 74 51.42 19.46 -17.00
C GLY C 74 52.30 18.53 -16.19
N LEU C 75 51.78 18.06 -15.06
CA LEU C 75 52.54 17.20 -14.16
C LEU C 75 52.16 15.76 -14.37
N ALA C 76 53.08 14.88 -13.96
CA ALA C 76 52.83 13.46 -13.94
C ALA C 76 51.73 13.15 -12.92
N ARG C 77 50.90 12.18 -13.27
CA ARG C 77 49.84 11.63 -12.42
C ARG C 77 50.29 11.46 -10.98
N THR C 78 51.48 10.88 -10.82
CA THR C 78 52.08 10.59 -9.53
C THR C 78 52.15 11.82 -8.63
N GLU C 79 52.42 12.98 -9.23
CA GLU C 79 52.56 14.20 -8.44
C GLU C 79 51.25 14.61 -7.80
N GLY C 80 50.13 14.38 -8.47
CA GLY C 80 48.82 14.60 -7.85
C GLY C 80 48.52 13.65 -6.69
N HIS C 81 48.91 12.38 -6.84
CA HIS C 81 48.75 11.43 -5.73
C HIS C 81 49.56 11.86 -4.52
N LYS C 82 50.77 12.34 -4.78
CA LYS C 82 51.68 12.82 -3.72
C LYS C 82 51.08 14.01 -2.97
N MET C 83 50.48 14.94 -3.70
CA MET C 83 49.83 16.07 -3.06
C MET C 83 48.62 15.67 -2.20
N GLY C 84 48.00 14.54 -2.50
CA GLY C 84 46.84 14.07 -1.76
C GLY C 84 47.14 13.56 -0.35
N GLU C 85 48.41 13.25 -0.06
CA GLU C 85 48.79 12.69 1.26
C GLU C 85 48.53 13.66 2.39
N ALA C 86 49.00 14.91 2.23
CA ALA C 86 48.80 15.97 3.21
C ALA C 86 47.31 16.20 3.46
N VAL C 87 46.53 16.08 2.39
CA VAL C 87 45.09 16.33 2.47
C VAL C 87 44.41 15.28 3.36
N VAL C 88 44.85 14.03 3.26
CA VAL C 88 44.34 12.98 4.12
C VAL C 88 44.52 13.34 5.59
N ILE C 89 45.74 13.71 5.97
CA ILE C 89 46.06 14.04 7.35
C ILE C 89 45.30 15.29 7.77
N ASP C 90 45.19 16.26 6.87
CA ASP C 90 44.43 17.49 7.13
C ASP C 90 42.97 17.19 7.46
N ILE C 91 42.38 16.27 6.71
CA ILE C 91 40.98 15.87 6.91
C ILE C 91 40.83 15.06 8.20
N ALA C 92 41.82 14.24 8.51
CA ALA C 92 41.91 13.58 9.80
C ALA C 92 41.84 14.61 10.94
N CYS C 93 42.71 15.61 10.88
CA CYS C 93 42.73 16.68 11.88
C CYS C 93 41.38 17.40 11.99
N GLY C 94 40.82 17.80 10.84
CA GLY C 94 39.48 18.41 10.82
C GLY C 94 38.37 17.50 11.34
N ALA C 95 38.44 16.22 11.00
CA ALA C 95 37.44 15.24 11.46
C ALA C 95 37.39 15.25 12.99
N ILE C 96 38.57 15.22 13.59
CA ILE C 96 38.71 15.22 15.04
C ILE C 96 38.18 16.52 15.67
N GLU C 97 38.59 17.66 15.13
CA GLU C 97 38.09 18.97 15.57
C GLU C 97 36.57 19.05 15.55
N LEU C 98 35.96 18.64 14.44
CA LEU C 98 34.49 18.66 14.30
C LEU C 98 33.78 17.64 15.19
N GLY C 99 34.43 16.53 15.49
CA GLY C 99 33.87 15.49 16.36
C GLY C 99 33.35 14.24 15.66
N ILE C 100 33.79 14.01 14.43
CA ILE C 100 33.45 12.81 13.68
C ILE C 100 34.19 11.64 14.32
N LYS C 101 33.46 10.54 14.53
CA LYS C 101 33.97 9.38 15.25
C LYS C 101 34.44 8.24 14.34
N TRP C 102 33.94 8.22 13.12
CA TRP C 102 34.31 7.21 12.14
C TRP C 102 34.60 7.87 10.80
N LEU C 103 35.69 7.45 10.18
CA LEU C 103 36.11 8.02 8.90
C LEU C 103 36.69 6.94 8.01
N SER C 104 35.99 6.64 6.91
CA SER C 104 36.46 5.66 5.93
C SER C 104 37.02 6.35 4.71
N LEU C 105 38.20 5.93 4.27
CA LEU C 105 38.90 6.52 3.13
C LEU C 105 39.17 5.48 2.05
N TYR C 106 38.79 5.78 0.80
CA TYR C 106 38.96 4.84 -0.30
C TYR C 106 40.34 4.99 -0.93
N ALA C 107 41.35 4.42 -0.30
CA ALA C 107 42.74 4.64 -0.72
C ALA C 107 43.07 3.91 -2.02
N PHE C 108 42.49 2.73 -2.21
CA PHE C 108 42.74 1.93 -3.42
C PHE C 108 41.60 0.93 -3.60
N SER C 109 41.02 0.89 -4.79
CA SER C 109 39.88 0.03 -5.09
C SER C 109 40.32 -1.24 -5.81
N THR C 110 39.48 -2.26 -5.72
CA THR C 110 39.69 -3.49 -6.49
C THR C 110 39.61 -3.24 -8.00
N GLU C 111 38.96 -2.16 -8.38
CA GLU C 111 38.88 -1.78 -9.77
C GLU C 111 40.13 -1.02 -10.23
N ASN C 112 40.93 -0.48 -9.30
CA ASN C 112 42.13 0.31 -9.62
C ASN C 112 43.26 -0.54 -10.20
N TRP C 113 43.13 -1.86 -10.17
CA TRP C 113 44.04 -2.75 -10.92
C TRP C 113 43.98 -2.55 -12.43
N LYS C 114 42.92 -1.90 -12.89
CA LYS C 114 42.73 -1.59 -14.32
C LYS C 114 43.60 -0.41 -14.80
N ARG C 115 44.23 0.32 -13.88
CA ARG C 115 45.15 1.37 -14.24
C ARG C 115 46.47 0.80 -14.75
N SER C 116 47.34 1.66 -15.26
CA SER C 116 48.62 1.21 -15.79
C SER C 116 49.39 0.53 -14.67
N PRO C 117 50.21 -0.47 -15.02
CA PRO C 117 51.07 -1.13 -14.03
C PRO C 117 52.00 -0.16 -13.29
N GLU C 118 52.48 0.85 -14.00
CA GLU C 118 53.32 1.92 -13.43
C GLU C 118 52.57 2.63 -12.31
N GLU C 119 51.34 3.07 -12.60
CA GLU C 119 50.56 3.79 -11.60
C GLU C 119 50.18 2.90 -10.43
N VAL C 120 49.84 1.64 -10.71
CA VAL C 120 49.46 0.71 -9.63
C VAL C 120 50.65 0.46 -8.71
N ARG C 121 51.83 0.23 -9.30
CA ARG C 121 53.08 0.04 -8.54
C ARG C 121 53.41 1.28 -7.70
N PHE C 122 53.26 2.48 -8.26
CA PHE C 122 53.41 3.68 -7.46
C PHE C 122 52.42 3.72 -6.28
N LEU C 123 51.15 3.49 -6.56
CA LEU C 123 50.10 3.61 -5.55
C LEU C 123 50.28 2.58 -4.42
N MET C 124 50.73 1.39 -4.77
CA MET C 124 51.00 0.37 -3.74
C MET C 124 52.14 0.80 -2.83
N GLY C 125 53.28 1.14 -3.43
CA GLY C 125 54.45 1.62 -2.69
C GLY C 125 54.17 2.90 -1.93
N PHE C 126 53.36 3.78 -2.51
CA PHE C 126 52.96 5.02 -1.85
C PHE C 126 52.09 4.80 -0.59
N ASN C 127 51.08 3.95 -0.70
CA ASN C 127 50.29 3.59 0.46
C ASN C 127 51.11 2.94 1.56
N ARG C 128 51.99 2.01 1.20
CA ARG C 128 52.92 1.40 2.16
C ARG C 128 53.70 2.48 2.93
N ASP C 129 54.29 3.42 2.19
CA ASP C 129 55.15 4.46 2.75
C ASP C 129 54.41 5.47 3.63
N VAL C 130 53.22 5.88 3.18
CA VAL C 130 52.36 6.80 3.91
C VAL C 130 51.95 6.24 5.28
N VAL C 131 51.55 4.97 5.33
CA VAL C 131 51.18 4.37 6.61
C VAL C 131 52.38 4.31 7.56
N ARG C 132 53.52 3.84 7.04
CA ARG C 132 54.75 3.79 7.82
C ARG C 132 55.16 5.19 8.32
N ARG C 133 55.04 6.18 7.44
CA ARG C 133 55.53 7.54 7.76
C ARG C 133 54.58 8.34 8.68
N ARG C 134 53.30 8.00 8.67
CA ARG C 134 52.29 8.77 9.41
C ARG C 134 51.70 8.08 10.64
N ARG C 135 51.93 6.78 10.82
CA ARG C 135 51.26 6.05 11.88
C ARG C 135 51.61 6.53 13.30
N ASP C 136 52.84 6.97 13.52
CA ASP C 136 53.23 7.54 14.81
C ASP C 136 52.41 8.80 15.12
N THR C 137 52.30 9.69 14.15
CA THR C 137 51.46 10.89 14.30
C THR C 137 50.01 10.52 14.60
N LEU C 138 49.45 9.62 13.81
CA LEU C 138 48.06 9.19 14.00
C LEU C 138 47.84 8.64 15.42
N LYS C 139 48.80 7.88 15.94
CA LYS C 139 48.72 7.32 17.28
C LYS C 139 48.65 8.43 18.33
N LYS C 140 49.54 9.42 18.21
CA LYS C 140 49.58 10.59 19.11
C LYS C 140 48.24 11.32 19.17
N LEU C 141 47.54 11.33 18.04
CA LEU C 141 46.27 12.03 17.87
C LEU C 141 45.06 11.27 18.41
N GLY C 142 45.24 10.03 18.88
CA GLY C 142 44.13 9.23 19.38
C GLY C 142 43.35 8.60 18.26
N VAL C 143 43.96 8.56 17.07
CA VAL C 143 43.40 7.88 15.93
C VAL C 143 43.60 6.37 16.07
N ARG C 144 42.53 5.62 15.89
CA ARG C 144 42.60 4.16 15.76
C ARG C 144 42.50 3.89 14.27
N ILE C 145 43.54 3.32 13.69
CA ILE C 145 43.54 3.10 12.25
C ILE C 145 43.69 1.61 11.95
N ARG C 146 43.09 1.16 10.86
CA ARG C 146 43.29 -0.22 10.42
C ARG C 146 42.90 -0.38 8.96
N TRP C 147 43.40 -1.47 8.38
CA TRP C 147 43.15 -1.85 7.00
C TRP C 147 41.75 -2.40 6.83
N VAL C 148 41.08 -1.96 5.78
CA VAL C 148 39.87 -2.64 5.32
C VAL C 148 40.06 -2.92 3.83
N GLY C 149 39.91 -4.16 3.40
CA GLY C 149 40.08 -4.53 2.02
C GLY C 149 40.20 -6.03 1.78
N SER C 150 40.48 -6.38 0.53
CA SER C 150 40.55 -7.76 0.05
C SER C 150 42.00 -8.20 -0.01
N ARG C 151 42.30 -9.43 0.43
CA ARG C 151 43.71 -9.87 0.52
C ARG C 151 44.38 -10.19 -0.82
N PRO C 152 43.72 -10.99 -1.68
CA PRO C 152 44.33 -11.40 -2.94
C PRO C 152 44.82 -10.21 -3.77
N ARG C 153 46.05 -10.32 -4.24
CA ARG C 153 46.74 -9.33 -5.06
C ARG C 153 47.32 -8.11 -4.33
N LEU C 154 46.76 -7.75 -3.19
CA LEU C 154 47.27 -6.59 -2.43
C LEU C 154 48.68 -6.90 -1.95
N TRP C 155 49.58 -5.94 -2.07
CA TRP C 155 50.96 -6.14 -1.64
C TRP C 155 51.00 -6.49 -0.16
N ARG C 156 51.76 -7.54 0.19
CA ARG C 156 51.89 -7.92 1.59
C ARG C 156 52.48 -6.79 2.44
N SER C 157 53.36 -5.98 1.87
CA SER C 157 53.97 -4.89 2.61
C SER C 157 52.94 -3.89 3.09
N VAL C 158 51.93 -3.62 2.26
CA VAL C 158 50.89 -2.64 2.62
C VAL C 158 50.05 -3.20 3.78
N ILE C 159 49.65 -4.46 3.67
CA ILE C 159 48.88 -5.12 4.75
C ILE C 159 49.69 -5.09 6.05
N ASN C 160 50.99 -5.38 5.92
CA ASN C 160 51.85 -5.52 7.08
C ASN C 160 52.06 -4.15 7.77
N GLU C 161 52.25 -3.07 7.00
CA GLU C 161 52.41 -1.74 7.62
C GLU C 161 51.12 -1.31 8.36
N LEU C 162 49.97 -1.63 7.78
CA LEU C 162 48.67 -1.34 8.41
C LEU C 162 48.41 -2.19 9.66
N ALA C 163 48.83 -3.46 9.63
CA ALA C 163 48.72 -4.33 10.82
C ALA C 163 49.52 -3.81 11.98
N VAL C 164 50.69 -3.24 11.68
CA VAL C 164 51.54 -2.63 12.68
C VAL C 164 50.83 -1.41 13.24
N ALA C 165 50.34 -0.55 12.35
CA ALA C 165 49.56 0.64 12.72
C ALA C 165 48.32 0.28 13.54
N GLU C 166 47.65 -0.81 13.15
CA GLU C 166 46.46 -1.30 13.86
C GLU C 166 46.83 -1.70 15.29
N GLU C 167 47.90 -2.48 15.45
CA GLU C 167 48.30 -2.90 16.79
C GLU C 167 48.72 -1.73 17.66
N MET C 168 49.43 -0.77 17.08
CA MET C 168 49.90 0.43 17.81
C MET C 168 48.74 1.31 18.32
N THR C 169 47.64 1.32 17.58
CA THR C 169 46.54 2.26 17.84
C THR C 169 45.27 1.55 18.32
N LYS C 170 45.36 0.27 18.65
CA LYS C 170 44.16 -0.51 18.97
C LYS C 170 43.35 -0.03 20.19
N SER C 171 43.98 0.74 21.06
CA SER C 171 43.32 1.24 22.26
C SER C 171 43.05 2.74 22.19
N ASN C 172 43.19 3.33 21.00
CA ASN C 172 42.83 4.73 20.81
C ASN C 172 41.34 4.84 20.55
N ASP C 173 40.76 5.99 20.86
CA ASP C 173 39.31 6.15 20.74
C ASP C 173 38.80 7.55 20.36
N VAL C 174 39.69 8.45 19.96
CA VAL C 174 39.24 9.76 19.49
C VAL C 174 38.44 9.62 18.19
N ILE C 175 38.99 8.86 17.24
CA ILE C 175 38.35 8.62 15.96
C ILE C 175 38.90 7.33 15.36
N THR C 176 38.07 6.59 14.62
CA THR C 176 38.53 5.39 13.91
C THR C 176 38.58 5.68 12.42
N ILE C 177 39.71 5.33 11.80
CA ILE C 177 39.85 5.46 10.37
C ILE C 177 39.94 4.09 9.74
N ASN C 178 39.01 3.80 8.84
CA ASN C 178 39.11 2.61 8.01
C ASN C 178 39.91 3.02 6.78
N TYR C 179 41.13 2.48 6.68
CA TYR C 179 42.00 2.77 5.58
C TYR C 179 41.80 1.67 4.56
N CYS C 180 40.96 1.98 3.57
CA CYS C 180 40.49 0.98 2.62
C CYS C 180 41.44 0.87 1.43
N VAL C 181 42.12 -0.28 1.36
CA VAL C 181 43.09 -0.57 0.32
C VAL C 181 42.75 -1.91 -0.30
N ASN C 182 42.65 -1.93 -1.63
CA ASN C 182 42.12 -3.07 -2.36
C ASN C 182 40.74 -3.44 -1.84
N TYR C 183 39.93 -2.40 -1.63
CA TYR C 183 38.58 -2.55 -1.11
C TYR C 183 37.58 -2.63 -2.27
N GLY C 184 36.59 -3.52 -2.12
CA GLY C 184 35.44 -3.61 -3.02
C GLY C 184 34.20 -4.03 -2.25
N GLY C 185 33.15 -3.25 -2.36
CA GLY C 185 31.91 -3.50 -1.62
C GLY C 185 31.32 -4.86 -1.93
N ARG C 186 31.12 -5.15 -3.21
CA ARG C 186 30.72 -6.49 -3.61
C ARG C 186 31.70 -7.57 -3.13
N THR C 187 32.99 -7.29 -3.20
CA THR C 187 34.01 -8.28 -2.84
C THR C 187 33.92 -8.60 -1.33
N GLU C 188 33.66 -7.58 -0.52
CA GLU C 188 33.60 -7.73 0.93
C GLU C 188 32.38 -8.54 1.35
N ILE C 189 31.26 -8.31 0.67
CA ILE C 189 30.05 -9.08 0.86
C ILE C 189 30.29 -10.53 0.44
N THR C 190 31.00 -10.70 -0.66
CA THR C 190 31.31 -12.03 -1.16
C THR C 190 32.16 -12.80 -0.15
N GLU C 191 33.15 -12.12 0.45
CA GLU C 191 34.01 -12.76 1.42
CA GLU C 191 34.01 -12.77 1.45
C GLU C 191 33.22 -13.18 2.68
N ALA C 192 32.28 -12.34 3.09
CA ALA C 192 31.36 -12.66 4.19
C ALA C 192 30.53 -13.90 3.89
N THR C 193 30.05 -13.97 2.65
CA THR C 193 29.28 -15.12 2.17
C THR C 193 30.14 -16.38 2.17
N ARG C 194 31.39 -16.24 1.78
CA ARG C 194 32.31 -17.39 1.83
C ARG C 194 32.46 -17.92 3.26
N GLU C 195 32.62 -17.02 4.22
CA GLU C 195 32.75 -17.41 5.63
C GLU C 195 31.51 -18.16 6.07
N ILE C 196 30.36 -17.59 5.71
CA ILE C 196 29.07 -18.19 6.03
C ILE C 196 28.98 -19.58 5.44
N ALA C 197 29.28 -19.69 4.15
CA ALA C 197 29.34 -20.98 3.45
C ALA C 197 30.19 -22.01 4.16
N ARG C 198 31.36 -21.59 4.67
CA ARG C 198 32.24 -22.52 5.37
C ARG C 198 31.58 -23.06 6.65
N GLU C 199 30.89 -22.19 7.38
CA GLU C 199 30.20 -22.60 8.62
C GLU C 199 29.09 -23.58 8.33
N VAL C 200 28.34 -23.33 7.24
CA VAL C 200 27.31 -24.27 6.78
C VAL C 200 27.91 -25.63 6.39
N ALA C 201 28.99 -25.61 5.62
CA ALA C 201 29.65 -26.86 5.21
C ALA C 201 30.16 -27.70 6.40
N ALA C 202 30.57 -26.98 7.45
CA ALA C 202 31.08 -27.55 8.68
C ALA C 202 29.97 -28.03 9.62
N GLY C 203 28.71 -27.84 9.23
CA GLY C 203 27.56 -28.22 10.03
C GLY C 203 27.24 -27.27 11.18
N ARG C 204 27.87 -26.09 11.19
CA ARG C 204 27.78 -25.15 12.30
C ARG C 204 26.78 -24.02 12.09
N LEU C 205 26.13 -23.96 10.94
CA LEU C 205 25.14 -22.93 10.67
C LEU C 205 23.97 -23.46 9.82
N ASN C 206 22.75 -23.29 10.33
CA ASN C 206 21.54 -23.60 9.58
C ASN C 206 21.30 -22.50 8.54
N PRO C 207 21.28 -22.84 7.23
CA PRO C 207 20.98 -21.83 6.22
C PRO C 207 19.74 -21.00 6.53
N GLU C 208 18.72 -21.62 7.12
CA GLU C 208 17.47 -20.94 7.41
C GLU C 208 17.56 -19.86 8.49
N ARG C 209 18.66 -19.85 9.24
CA ARG C 209 18.84 -18.88 10.31
C ARG C 209 19.75 -17.73 9.90
N ILE C 210 20.17 -17.71 8.64
CA ILE C 210 20.97 -16.61 8.11
C ILE C 210 20.09 -15.38 7.97
N THR C 211 20.50 -14.27 8.59
CA THR C 211 19.81 -12.99 8.50
C THR C 211 20.77 -11.87 8.06
N GLU C 212 20.25 -10.67 7.83
CA GLU C 212 21.10 -9.53 7.50
C GLU C 212 22.21 -9.35 8.53
N SER C 213 21.89 -9.55 9.81
CA SER C 213 22.88 -9.50 10.89
C SER C 213 23.98 -10.54 10.74
N THR C 214 23.64 -11.71 10.20
CA THR C 214 24.62 -12.76 9.93
C THR C 214 25.66 -12.23 8.96
N ILE C 215 25.21 -11.55 7.92
CA ILE C 215 26.13 -11.02 6.93
C ILE C 215 27.02 -9.95 7.59
N ALA C 216 26.40 -9.03 8.33
CA ALA C 216 27.14 -7.92 8.98
C ALA C 216 28.24 -8.43 9.92
N ARG C 217 27.93 -9.48 10.68
CA ARG C 217 28.86 -10.06 11.65
C ARG C 217 30.03 -10.77 10.98
N HIS C 218 29.88 -11.09 9.69
CA HIS C 218 30.91 -11.84 8.98
C HIS C 218 31.69 -11.00 7.97
N LEU C 219 31.40 -9.70 7.91
CA LEU C 219 32.20 -8.75 7.16
C LEU C 219 33.56 -8.65 7.85
N GLN C 220 34.58 -8.28 7.09
CA GLN C 220 35.95 -8.27 7.57
C GLN C 220 36.03 -7.53 8.89
N ARG C 221 35.33 -6.38 8.96
CA ARG C 221 35.39 -5.48 10.11
C ARG C 221 33.95 -5.25 10.59
N PRO C 222 33.39 -6.20 11.35
CA PRO C 222 31.97 -6.09 11.72
C PRO C 222 31.60 -4.88 12.58
N ASP C 223 32.56 -4.18 13.16
CA ASP C 223 32.25 -3.05 14.03
C ASP C 223 32.00 -1.73 13.29
N ILE C 224 32.19 -1.72 11.98
CA ILE C 224 31.97 -0.50 11.20
C ILE C 224 30.48 -0.16 11.14
N PRO C 225 30.09 1.02 11.68
CA PRO C 225 28.69 1.43 11.63
C PRO C 225 28.27 1.91 10.24
N ASP C 226 26.98 2.05 10.04
CA ASP C 226 26.48 2.57 8.80
C ASP C 226 27.12 3.92 8.47
N VAL C 227 27.28 4.18 7.17
CA VAL C 227 27.77 5.46 6.69
C VAL C 227 26.59 6.46 6.74
N ASP C 228 26.81 7.60 7.38
CA ASP C 228 25.82 8.66 7.43
C ASP C 228 26.00 9.64 6.28
N LEU C 229 27.26 10.05 6.09
CA LEU C 229 27.64 10.99 5.04
C LEU C 229 28.67 10.37 4.09
N PHE C 230 28.29 10.25 2.83
CA PHE C 230 29.15 9.68 1.78
C PHE C 230 29.60 10.84 0.87
N LEU C 231 30.89 11.14 0.91
CA LEU C 231 31.46 12.25 0.17
C LEU C 231 32.30 11.74 -0.99
N ARG C 232 32.21 12.43 -2.12
CA ARG C 232 33.15 12.24 -3.21
C ARG C 232 33.49 13.58 -3.86
N THR C 233 34.79 13.81 -4.05
CA THR C 233 35.29 15.03 -4.65
C THR C 233 35.36 14.90 -6.19
N SER C 234 35.75 16.00 -6.83
CA SER C 234 35.86 16.11 -8.30
C SER C 234 34.53 16.13 -9.05
N GLY C 235 33.41 16.24 -8.33
CA GLY C 235 32.10 16.33 -8.97
C GLY C 235 31.58 15.05 -9.62
N GLU C 236 32.28 13.94 -9.40
CA GLU C 236 31.86 12.62 -9.91
C GLU C 236 30.75 12.06 -9.02
N GLN C 237 29.58 11.83 -9.60
CA GLN C 237 28.42 11.37 -8.83
C GLN C 237 28.25 9.86 -8.93
N ARG C 238 29.16 9.16 -8.27
CA ARG C 238 29.18 7.68 -8.27
C ARG C 238 29.74 7.19 -6.94
N SER C 239 29.21 6.10 -6.41
CA SER C 239 29.72 5.56 -5.17
C SER C 239 30.89 4.62 -5.43
N SER C 240 30.95 4.09 -6.64
CA SER C 240 32.03 3.21 -7.07
C SER C 240 32.31 2.09 -6.07
N ASN C 241 31.25 1.40 -5.62
CA ASN C 241 31.42 0.12 -4.90
C ASN C 241 32.08 0.38 -3.54
N PHE C 242 32.05 1.62 -3.03
CA PHE C 242 32.65 1.95 -1.72
C PHE C 242 31.62 1.82 -0.59
N MET C 243 32.01 1.11 0.47
CA MET C 243 31.19 0.90 1.65
C MET C 243 29.78 0.48 1.25
N LEU C 244 29.72 -0.48 0.35
CA LEU C 244 28.46 -0.85 -0.32
C LEU C 244 27.41 -1.28 0.70
N TRP C 245 27.71 -2.28 1.52
CA TRP C 245 26.74 -2.71 2.55
C TRP C 245 26.40 -1.58 3.52
N GLN C 246 27.42 -0.87 3.94
CA GLN C 246 27.32 0.08 5.03
C GLN C 246 26.58 1.37 4.65
N ALA C 247 26.63 1.74 3.36
CA ALA C 247 26.15 3.04 2.90
C ALA C 247 24.74 2.97 2.28
N ALA C 248 24.02 1.87 2.48
CA ALA C 248 22.67 1.74 1.91
C ALA C 248 21.75 2.93 2.16
N TYR C 249 21.87 3.57 3.32
CA TYR C 249 21.04 4.71 3.61
C TYR C 249 21.82 5.98 3.86
N ALA C 250 23.06 6.03 3.37
CA ALA C 250 23.88 7.23 3.44
C ALA C 250 23.31 8.39 2.64
N GLU C 251 23.52 9.59 3.18
CA GLU C 251 23.39 10.86 2.48
C GLU C 251 24.60 11.13 1.62
N TYR C 252 24.37 11.38 0.33
CA TYR C 252 25.45 11.68 -0.63
C TYR C 252 25.67 13.18 -0.76
N ILE C 253 26.95 13.57 -0.75
CA ILE C 253 27.35 14.94 -1.06
C ILE C 253 28.47 14.85 -2.07
N PHE C 254 28.27 15.49 -3.21
CA PHE C 254 29.29 15.47 -4.26
C PHE C 254 29.85 16.87 -4.42
N GLN C 255 31.11 17.06 -4.00
CA GLN C 255 31.78 18.35 -4.10
C GLN C 255 32.67 18.40 -5.32
N ASP C 256 32.67 19.56 -5.99
CA ASP C 256 33.36 19.69 -7.27
C ASP C 256 34.88 19.67 -7.19
N LYS C 257 35.46 20.19 -6.11
CA LYS C 257 36.89 20.41 -6.12
C LYS C 257 37.71 19.11 -6.17
N LEU C 258 38.87 19.20 -6.80
CA LEU C 258 39.78 18.08 -6.98
C LEU C 258 40.49 17.80 -5.66
N TRP C 259 40.76 16.55 -5.37
CA TRP C 259 41.29 16.17 -4.05
C TRP C 259 42.53 16.98 -3.58
N PRO C 260 43.56 17.15 -4.45
CA PRO C 260 44.72 17.93 -3.96
C PRO C 260 44.43 19.38 -3.56
N ASP C 261 43.28 19.92 -3.96
CA ASP C 261 42.88 21.30 -3.57
C ASP C 261 41.99 21.33 -2.32
N TYR C 262 41.63 20.14 -1.85
CA TYR C 262 40.67 19.95 -0.77
C TYR C 262 41.36 20.21 0.57
N ASP C 263 40.63 20.77 1.53
CA ASP C 263 41.15 20.92 2.88
C ASP C 263 40.01 20.70 3.90
N ARG C 264 40.35 20.72 5.18
CA ARG C 264 39.38 20.42 6.23
C ARG C 264 38.14 21.32 6.24
N ARG C 265 38.27 22.56 5.76
CA ARG C 265 37.12 23.48 5.67
C ARG C 265 36.05 22.98 4.72
N ASP C 266 36.47 22.22 3.72
CA ASP C 266 35.55 21.64 2.74
C ASP C 266 34.78 20.46 3.34
N LEU C 267 35.48 19.63 4.12
CA LEU C 267 34.83 18.61 4.95
C LEU C 267 33.74 19.25 5.81
N TRP C 268 34.12 20.30 6.52
CA TRP C 268 33.20 20.99 7.43
C TRP C 268 31.96 21.50 6.68
N ALA C 269 32.16 22.03 5.48
CA ALA C 269 31.05 22.52 4.66
C ALA C 269 30.10 21.38 4.27
N ALA C 270 30.67 20.23 3.95
CA ALA C 270 29.87 19.06 3.62
C ALA C 270 29.04 18.61 4.83
N CYS C 271 29.65 18.63 6.02
CA CYS C 271 28.94 18.26 7.24
C CYS C 271 27.84 19.24 7.61
N GLU C 272 28.04 20.53 7.35
CA GLU C 272 26.95 21.50 7.52
C GLU C 272 25.81 21.17 6.56
N GLU C 273 26.14 20.84 5.32
CA GLU C 273 25.14 20.44 4.34
C GLU C 273 24.39 19.20 4.85
N TYR C 274 25.13 18.19 5.32
CA TYR C 274 24.51 17.00 5.95
C TYR C 274 23.54 17.40 7.06
N ALA C 275 23.97 18.33 7.91
CA ALA C 275 23.15 18.79 9.03
C ALA C 275 21.76 19.28 8.58
N SER C 276 21.68 19.92 7.42
CA SER C 276 20.40 20.46 6.93
C SER C 276 19.47 19.37 6.36
N ARG C 277 20.04 18.24 5.97
CA ARG C 277 19.31 17.11 5.36
C ARG C 277 18.42 16.40 6.39
N THR C 278 17.22 16.01 5.97
CA THR C 278 16.33 15.22 6.83
C THR C 278 16.32 13.76 6.38
N ARG C 279 16.71 12.86 7.27
CA ARG C 279 16.77 11.42 6.95
C ARG C 279 15.55 10.71 7.54
N ARG C 280 14.96 9.79 6.79
CA ARG C 280 13.74 9.11 7.22
C ARG C 280 13.85 7.59 7.38
N PHE C 281 14.86 6.98 6.75
CA PHE C 281 15.05 5.53 6.77
C PHE C 281 13.76 4.75 6.48
N GLY C 282 13.00 5.23 5.50
CA GLY C 282 11.77 4.56 5.06
C GLY C 282 10.48 5.02 5.74
N SER C 283 10.58 5.73 6.86
CA SER C 283 9.39 6.18 7.57
C SER C 283 8.76 7.41 6.90
N ALA C 284 7.50 7.68 7.24
CA ALA C 284 6.74 8.76 6.62
C ALA C 284 7.24 10.12 7.10
N PRO D 2 -48.71 -19.91 -6.70
CA PRO D 2 -47.78 -18.79 -6.89
C PRO D 2 -46.65 -19.11 -7.87
N GLN D 3 -46.04 -20.28 -7.72
CA GLN D 3 -45.04 -20.75 -8.66
C GLN D 3 -45.76 -21.20 -9.92
N LEU D 4 -45.06 -21.15 -11.05
CA LEU D 4 -45.59 -21.76 -12.25
C LEU D 4 -45.66 -23.27 -11.98
N PRO D 5 -46.73 -23.93 -12.45
CA PRO D 5 -46.77 -25.37 -12.24
C PRO D 5 -45.62 -26.05 -12.97
N PRO D 6 -45.31 -27.32 -12.63
CA PRO D 6 -44.23 -27.98 -13.35
C PRO D 6 -44.47 -27.96 -14.87
N ALA D 7 -43.42 -27.74 -15.64
CA ALA D 7 -43.51 -27.81 -17.11
C ALA D 7 -43.76 -29.25 -17.55
N PRO D 8 -44.31 -29.42 -18.77
CA PRO D 8 -44.36 -30.77 -19.34
C PRO D 8 -42.95 -31.21 -19.77
N ASP D 9 -42.68 -32.51 -19.67
CA ASP D 9 -41.38 -33.08 -20.05
C ASP D 9 -40.96 -32.68 -21.47
N ASP D 10 -41.95 -32.44 -22.32
CA ASP D 10 -41.75 -32.01 -23.71
C ASP D 10 -41.26 -30.56 -23.81
N TYR D 11 -41.50 -29.76 -22.76
CA TYR D 11 -41.28 -28.32 -22.85
C TYR D 11 -39.80 -28.00 -23.06
N PRO D 12 -39.49 -26.97 -23.89
CA PRO D 12 -38.09 -26.68 -24.20
C PRO D 12 -37.24 -26.32 -22.99
N THR D 13 -35.95 -26.59 -23.06
CA THR D 13 -35.05 -26.37 -21.95
C THR D 13 -34.01 -25.31 -22.26
N PHE D 14 -33.31 -24.87 -21.22
CA PHE D 14 -32.33 -23.82 -21.32
C PHE D 14 -31.45 -23.88 -20.07
N PRO D 15 -30.15 -23.57 -20.18
CA PRO D 15 -29.37 -23.29 -21.39
C PRO D 15 -28.66 -24.51 -21.98
N ASP D 16 -28.58 -24.54 -23.30
CA ASP D 16 -27.71 -25.48 -24.01
C ASP D 16 -26.42 -24.71 -24.30
N THR D 17 -25.41 -24.91 -23.45
CA THR D 17 -24.16 -24.15 -23.56
C THR D 17 -23.15 -24.87 -24.44
N SER D 18 -23.63 -25.71 -25.36
CA SER D 18 -22.79 -26.33 -26.39
C SER D 18 -22.39 -25.32 -27.47
N THR D 19 -23.00 -24.15 -27.41
CA THR D 19 -22.83 -23.09 -28.39
C THR D 19 -22.64 -21.75 -27.65
N TRP D 20 -21.88 -20.84 -28.24
CA TRP D 20 -21.82 -19.45 -27.79
C TRP D 20 -21.91 -18.47 -28.96
N PRO D 21 -22.75 -17.43 -28.82
CA PRO D 21 -23.74 -17.17 -27.77
C PRO D 21 -24.82 -18.26 -27.69
N VAL D 22 -25.28 -18.55 -26.47
CA VAL D 22 -26.30 -19.58 -26.26
C VAL D 22 -27.59 -19.24 -26.99
N VAL D 23 -28.19 -20.24 -27.62
CA VAL D 23 -29.43 -20.02 -28.37
C VAL D 23 -30.61 -20.27 -27.46
N PHE D 24 -31.47 -19.26 -27.34
CA PHE D 24 -32.69 -19.41 -26.57
C PHE D 24 -33.69 -20.21 -27.40
N PRO D 25 -34.32 -21.24 -26.81
CA PRO D 25 -35.18 -22.12 -27.59
C PRO D 25 -36.47 -21.46 -28.06
N GLU D 26 -37.01 -21.98 -29.16
CA GLU D 26 -38.31 -21.56 -29.66
C GLU D 26 -39.40 -22.08 -28.71
N LEU D 27 -40.35 -21.22 -28.36
CA LEU D 27 -41.39 -21.57 -27.39
C LEU D 27 -42.80 -21.57 -28.01
N PRO D 28 -43.62 -22.58 -27.68
CA PRO D 28 -45.02 -22.59 -28.14
C PRO D 28 -45.76 -21.29 -27.82
N ALA D 29 -46.73 -20.95 -28.67
CA ALA D 29 -47.48 -19.70 -28.55
C ALA D 29 -48.11 -19.54 -27.18
N ALA D 30 -48.74 -20.60 -26.67
CA ALA D 30 -49.41 -20.54 -25.37
C ALA D 30 -50.24 -19.26 -25.21
N PRO D 31 -51.21 -19.04 -26.11
CA PRO D 31 -52.09 -17.87 -26.11
C PRO D 31 -53.24 -18.02 -25.11
N TYR D 32 -54.08 -17.00 -24.92
CA TYR D 32 -53.99 -15.69 -25.57
C TYR D 32 -53.68 -14.62 -24.53
N GLY D 33 -53.04 -15.04 -23.45
CA GLY D 33 -52.75 -14.14 -22.33
C GLY D 33 -51.30 -13.74 -22.28
N GLY D 34 -50.79 -13.31 -23.45
CA GLY D 34 -49.45 -12.74 -23.55
C GLY D 34 -48.31 -13.71 -23.31
N PRO D 35 -47.51 -13.45 -22.26
CA PRO D 35 -46.19 -14.04 -22.09
C PRO D 35 -46.07 -15.56 -22.22
N CYS D 36 -45.01 -16.01 -22.90
CA CYS D 36 -44.71 -17.42 -22.98
C CYS D 36 -44.19 -17.94 -21.65
N ARG D 37 -44.49 -19.21 -21.35
CA ARG D 37 -43.88 -19.88 -20.21
C ARG D 37 -42.38 -20.03 -20.47
N PRO D 38 -41.53 -19.59 -19.53
CA PRO D 38 -40.09 -19.71 -19.72
C PRO D 38 -39.64 -21.16 -19.91
N PRO D 39 -38.56 -21.37 -20.69
CA PRO D 39 -38.07 -22.74 -20.85
C PRO D 39 -37.69 -23.35 -19.52
N GLN D 40 -37.82 -24.66 -19.42
CA GLN D 40 -37.39 -25.42 -18.26
C GLN D 40 -35.86 -25.34 -18.12
N HIS D 41 -35.34 -25.62 -16.94
CA HIS D 41 -33.88 -25.77 -16.81
C HIS D 41 -33.50 -27.07 -17.50
N THR D 42 -32.27 -27.13 -18.01
CA THR D 42 -31.72 -28.35 -18.61
C THR D 42 -32.04 -29.59 -17.78
N SER D 43 -31.94 -29.45 -16.46
CA SER D 43 -32.18 -30.52 -15.50
C SER D 43 -33.65 -30.92 -15.41
N LYS D 44 -34.54 -30.05 -15.87
CA LYS D 44 -35.99 -30.21 -15.70
C LYS D 44 -36.43 -30.19 -14.22
N ALA D 45 -35.66 -29.53 -13.38
CA ALA D 45 -36.02 -29.36 -11.97
C ALA D 45 -37.21 -28.42 -11.86
N ALA D 46 -38.03 -28.65 -10.84
CA ALA D 46 -39.20 -27.81 -10.55
C ALA D 46 -38.89 -26.83 -9.44
N ALA D 47 -39.46 -25.64 -9.54
CA ALA D 47 -39.34 -24.62 -8.51
C ALA D 47 -40.10 -25.05 -7.24
N PRO D 48 -39.52 -24.77 -6.06
CA PRO D 48 -40.15 -25.19 -4.82
C PRO D 48 -41.41 -24.39 -4.51
N ARG D 49 -42.33 -25.01 -3.76
CA ARG D 49 -43.61 -24.40 -3.43
C ARG D 49 -43.48 -23.52 -2.21
N ILE D 50 -43.01 -22.30 -2.43
CA ILE D 50 -42.82 -21.32 -1.38
C ILE D 50 -44.05 -20.41 -1.36
N PRO D 51 -44.75 -20.33 -0.22
CA PRO D 51 -45.94 -19.48 -0.13
C PRO D 51 -45.62 -18.00 -0.32
N ALA D 52 -46.59 -17.24 -0.84
CA ALA D 52 -46.39 -15.84 -1.20
C ALA D 52 -45.87 -15.02 -0.04
N ASP D 53 -46.35 -15.32 1.18
CA ASP D 53 -46.00 -14.55 2.38
C ASP D 53 -44.62 -14.86 2.96
N ARG D 54 -43.89 -15.81 2.36
CA ARG D 54 -42.49 -16.04 2.67
C ARG D 54 -41.56 -15.94 1.45
N LEU D 55 -42.11 -15.56 0.29
CA LEU D 55 -41.34 -15.35 -0.92
C LEU D 55 -40.82 -13.92 -0.94
N PRO D 56 -39.57 -13.72 -1.35
CA PRO D 56 -39.09 -12.36 -1.45
C PRO D 56 -39.67 -11.62 -2.65
N ASN D 57 -40.21 -10.43 -2.40
CA ASN D 57 -40.72 -9.57 -3.46
C ASN D 57 -39.60 -9.12 -4.41
N HIS D 58 -38.48 -8.70 -3.83
CA HIS D 58 -37.35 -8.12 -4.55
C HIS D 58 -36.06 -8.85 -4.18
N VAL D 59 -35.51 -9.58 -5.15
CA VAL D 59 -34.16 -10.13 -5.06
C VAL D 59 -33.15 -9.25 -5.81
N ALA D 60 -32.03 -8.96 -5.15
CA ALA D 60 -30.90 -8.27 -5.76
C ALA D 60 -29.68 -9.20 -5.82
N ILE D 61 -29.05 -9.31 -6.98
CA ILE D 61 -27.96 -10.22 -7.15
C ILE D 61 -26.70 -9.49 -7.61
N VAL D 62 -25.63 -9.66 -6.83
CA VAL D 62 -24.30 -9.27 -7.25
C VAL D 62 -23.63 -10.47 -7.90
N MET D 63 -23.46 -10.41 -9.21
CA MET D 63 -22.95 -11.54 -9.98
C MET D 63 -21.43 -11.48 -9.86
N ASP D 64 -20.83 -12.54 -9.34
CA ASP D 64 -19.40 -12.52 -9.06
C ASP D 64 -18.77 -13.87 -9.29
N GLY D 65 -17.52 -13.84 -9.72
CA GLY D 65 -16.70 -15.04 -9.87
C GLY D 65 -16.30 -15.40 -11.28
N ASN D 66 -16.61 -14.52 -12.22
CA ASN D 66 -16.33 -14.74 -13.65
C ASN D 66 -14.85 -14.87 -13.93
N GLY D 67 -14.07 -14.00 -13.31
CA GLY D 67 -12.62 -14.00 -13.46
C GLY D 67 -11.97 -15.24 -12.90
N ARG D 68 -12.33 -15.59 -11.67
CA ARG D 68 -11.77 -16.79 -11.03
C ARG D 68 -12.13 -18.02 -11.84
N TRP D 69 -13.35 -18.04 -12.35
CA TRP D 69 -13.85 -19.15 -13.15
C TRP D 69 -12.99 -19.35 -14.39
N ALA D 70 -12.68 -18.25 -15.08
CA ALA D 70 -11.86 -18.29 -16.29
C ALA D 70 -10.41 -18.72 -16.00
N THR D 71 -9.85 -18.20 -14.91
CA THR D 71 -8.49 -18.53 -14.50
C THR D 71 -8.34 -19.99 -14.13
N GLN D 72 -9.40 -20.59 -13.57
CA GLN D 72 -9.40 -22.04 -13.24
C GLN D 72 -9.13 -22.90 -14.47
N ARG D 73 -9.63 -22.46 -15.62
CA ARG D 73 -9.52 -23.24 -16.87
C ARG D 73 -8.50 -22.67 -17.85
N GLY D 74 -7.64 -21.77 -17.39
CA GLY D 74 -6.60 -21.20 -18.25
C GLY D 74 -7.16 -20.36 -19.38
N LEU D 75 -8.26 -19.67 -19.11
CA LEU D 75 -8.95 -18.85 -20.10
C LEU D 75 -8.83 -17.37 -19.74
N ALA D 76 -9.00 -16.52 -20.75
CA ALA D 76 -9.09 -15.08 -20.55
C ALA D 76 -10.34 -14.75 -19.78
N ARG D 77 -10.30 -13.72 -18.96
CA ARG D 77 -11.44 -13.38 -18.11
C ARG D 77 -12.69 -12.99 -18.91
N THR D 78 -12.49 -12.57 -20.16
CA THR D 78 -13.60 -12.27 -21.08
C THR D 78 -14.46 -13.52 -21.27
N GLU D 79 -13.82 -14.68 -21.37
CA GLU D 79 -14.54 -15.96 -21.45
C GLU D 79 -15.40 -16.18 -20.22
N GLY D 80 -14.90 -15.81 -19.06
CA GLY D 80 -15.72 -15.85 -17.84
C GLY D 80 -16.98 -15.01 -17.98
N HIS D 81 -16.81 -13.76 -18.41
CA HIS D 81 -17.94 -12.86 -18.59
C HIS D 81 -18.93 -13.38 -19.63
N LYS D 82 -18.40 -13.93 -20.72
CA LYS D 82 -19.26 -14.48 -21.78
C LYS D 82 -20.17 -15.61 -21.27
N MET D 83 -19.63 -16.46 -20.40
CA MET D 83 -20.40 -17.57 -19.87
C MET D 83 -21.48 -17.13 -18.90
N GLY D 84 -21.29 -15.96 -18.29
CA GLY D 84 -22.27 -15.40 -17.35
C GLY D 84 -23.53 -14.88 -18.00
N GLU D 85 -23.50 -14.73 -19.34
CA GLU D 85 -24.66 -14.24 -20.07
C GLU D 85 -25.83 -15.23 -19.95
N ALA D 86 -25.59 -16.48 -20.33
CA ALA D 86 -26.62 -17.52 -20.23
C ALA D 86 -27.17 -17.65 -18.81
N VAL D 87 -26.29 -17.49 -17.81
CA VAL D 87 -26.69 -17.61 -16.40
C VAL D 87 -27.70 -16.54 -16.01
N VAL D 88 -27.52 -15.33 -16.55
CA VAL D 88 -28.47 -14.24 -16.33
C VAL D 88 -29.84 -14.65 -16.85
N ILE D 89 -29.88 -15.15 -18.08
CA ILE D 89 -31.18 -15.49 -18.70
C ILE D 89 -31.85 -16.64 -17.95
N ASP D 90 -31.04 -17.61 -17.54
CA ASP D 90 -31.47 -18.78 -16.77
C ASP D 90 -32.15 -18.37 -15.44
N ILE D 91 -31.53 -17.42 -14.77
CA ILE D 91 -32.02 -16.92 -13.48
C ILE D 91 -33.31 -16.10 -13.66
N ALA D 92 -33.40 -15.39 -14.78
CA ALA D 92 -34.64 -14.69 -15.17
C ALA D 92 -35.76 -15.71 -15.32
N CYS D 93 -35.52 -16.78 -16.08
CA CYS D 93 -36.52 -17.86 -16.22
C CYS D 93 -36.90 -18.49 -14.88
N GLY D 94 -35.92 -18.74 -14.02
CA GLY D 94 -36.17 -19.35 -12.71
C GLY D 94 -36.89 -18.41 -11.76
N ALA D 95 -36.56 -17.13 -11.86
CA ALA D 95 -37.26 -16.13 -11.08
C ALA D 95 -38.74 -16.14 -11.43
N ILE D 96 -39.06 -16.32 -12.72
CA ILE D 96 -40.45 -16.34 -13.19
C ILE D 96 -41.14 -17.61 -12.74
N GLU D 97 -40.47 -18.74 -12.85
CA GLU D 97 -41.05 -20.01 -12.38
C GLU D 97 -41.39 -19.95 -10.90
N LEU D 98 -40.53 -19.30 -10.11
CA LEU D 98 -40.71 -19.19 -8.66
C LEU D 98 -41.78 -18.17 -8.26
N GLY D 99 -41.89 -17.09 -9.02
CA GLY D 99 -42.86 -16.03 -8.72
C GLY D 99 -42.29 -14.74 -8.14
N ILE D 100 -40.99 -14.54 -8.27
CA ILE D 100 -40.35 -13.30 -7.87
C ILE D 100 -40.84 -12.15 -8.76
N LYS D 101 -41.20 -11.03 -8.15
CA LYS D 101 -41.75 -9.86 -8.86
C LYS D 101 -40.71 -8.84 -9.31
N TRP D 102 -39.62 -8.72 -8.56
CA TRP D 102 -38.57 -7.76 -8.81
C TRP D 102 -37.19 -8.41 -8.72
N LEU D 103 -36.34 -8.12 -9.69
CA LEU D 103 -34.99 -8.65 -9.74
C LEU D 103 -34.04 -7.55 -10.15
N SER D 104 -33.05 -7.26 -9.30
CA SER D 104 -32.01 -6.30 -9.64
C SER D 104 -30.68 -7.03 -9.87
N LEU D 105 -30.00 -6.70 -10.97
CA LEU D 105 -28.73 -7.32 -11.35
C LEU D 105 -27.63 -6.28 -11.49
N TYR D 106 -26.52 -6.46 -10.77
CA TYR D 106 -25.40 -5.52 -10.82
C TYR D 106 -24.46 -5.84 -12.00
N ALA D 107 -24.84 -5.40 -13.20
CA ALA D 107 -24.10 -5.69 -14.42
C ALA D 107 -22.75 -4.95 -14.47
N PHE D 108 -22.75 -3.72 -13.98
CA PHE D 108 -21.55 -2.88 -14.01
C PHE D 108 -21.63 -1.78 -12.94
N SER D 109 -20.61 -1.74 -12.10
CA SER D 109 -20.53 -0.83 -10.98
C SER D 109 -19.70 0.38 -11.31
N THR D 110 -19.97 1.48 -10.62
CA THR D 110 -19.10 2.66 -10.78
C THR D 110 -17.66 2.32 -10.36
N GLU D 111 -17.48 1.38 -9.45
CA GLU D 111 -16.12 0.97 -9.08
C GLU D 111 -15.41 0.14 -10.16
N ASN D 112 -16.16 -0.52 -11.03
CA ASN D 112 -15.57 -1.34 -12.11
C ASN D 112 -14.77 -0.53 -13.13
N TRP D 113 -14.89 0.80 -13.12
CA TRP D 113 -14.04 1.66 -13.96
C TRP D 113 -12.57 1.59 -13.55
N LYS D 114 -12.31 1.09 -12.34
CA LYS D 114 -10.96 0.96 -11.82
C LYS D 114 -10.22 -0.28 -12.39
N ARG D 115 -10.91 -1.11 -13.14
CA ARG D 115 -10.30 -2.25 -13.84
C ARG D 115 -9.48 -1.74 -15.03
N SER D 116 -8.79 -2.65 -15.73
CA SER D 116 -8.02 -2.26 -16.89
C SER D 116 -8.98 -1.64 -17.90
N PRO D 117 -8.49 -0.65 -18.67
CA PRO D 117 -9.34 -0.08 -19.73
C PRO D 117 -9.78 -1.10 -20.78
N GLU D 118 -9.00 -2.15 -20.96
CA GLU D 118 -9.35 -3.20 -21.92
C GLU D 118 -10.56 -4.01 -21.41
N GLU D 119 -10.56 -4.38 -20.13
CA GLU D 119 -11.69 -5.11 -19.58
C GLU D 119 -12.95 -4.23 -19.52
N VAL D 120 -12.78 -2.96 -19.15
CA VAL D 120 -13.91 -2.02 -19.10
C VAL D 120 -14.55 -1.83 -20.49
N ARG D 121 -13.72 -1.68 -21.51
CA ARG D 121 -14.21 -1.55 -22.88
C ARG D 121 -14.92 -2.83 -23.32
N PHE D 122 -14.37 -3.99 -22.95
CA PHE D 122 -15.05 -5.24 -23.26
C PHE D 122 -16.40 -5.29 -22.56
N LEU D 123 -16.44 -4.90 -21.29
CA LEU D 123 -17.67 -4.98 -20.48
C LEU D 123 -18.75 -4.03 -21.00
N MET D 124 -18.36 -2.84 -21.45
CA MET D 124 -19.33 -1.90 -22.02
C MET D 124 -19.95 -2.49 -23.28
N GLY D 125 -19.08 -2.93 -24.19
CA GLY D 125 -19.49 -3.56 -25.45
C GLY D 125 -20.31 -4.82 -25.24
N PHE D 126 -19.89 -5.64 -24.28
CA PHE D 126 -20.61 -6.86 -23.96
C PHE D 126 -22.03 -6.62 -23.47
N ASN D 127 -22.19 -5.71 -22.52
CA ASN D 127 -23.54 -5.37 -22.03
C ASN D 127 -24.41 -4.79 -23.14
N ARG D 128 -23.83 -3.96 -23.99
CA ARG D 128 -24.56 -3.42 -25.15
C ARG D 128 -25.12 -4.57 -25.98
N ASP D 129 -24.23 -5.53 -26.30
CA ASP D 129 -24.55 -6.62 -27.19
C ASP D 129 -25.53 -7.61 -26.56
N VAL D 130 -25.40 -7.86 -25.25
CA VAL D 130 -26.30 -8.77 -24.53
C VAL D 130 -27.75 -8.22 -24.47
N VAL D 131 -27.87 -6.92 -24.25
CA VAL D 131 -29.19 -6.28 -24.23
C VAL D 131 -29.83 -6.39 -25.62
N ARG D 132 -29.05 -6.09 -26.67
CA ARG D 132 -29.56 -6.18 -28.04
C ARG D 132 -29.90 -7.63 -28.41
N ARG D 133 -29.12 -8.59 -27.93
CA ARG D 133 -29.30 -9.99 -28.27
C ARG D 133 -30.53 -10.62 -27.58
N ARG D 134 -30.85 -10.16 -26.38
CA ARG D 134 -31.83 -10.83 -25.52
C ARG D 134 -33.17 -10.07 -25.28
N ARG D 135 -33.26 -8.82 -25.71
CA ARG D 135 -34.47 -8.04 -25.41
C ARG D 135 -35.76 -8.63 -25.97
N ASP D 136 -35.69 -9.25 -27.15
CA ASP D 136 -36.87 -9.88 -27.75
C ASP D 136 -37.38 -11.06 -26.92
N THR D 137 -36.45 -11.89 -26.48
CA THR D 137 -36.75 -13.01 -25.60
C THR D 137 -37.36 -12.54 -24.29
N LEU D 138 -36.75 -11.51 -23.71
CA LEU D 138 -37.28 -10.95 -22.47
C LEU D 138 -38.70 -10.38 -22.64
N LYS D 139 -38.94 -9.66 -23.75
CA LYS D 139 -40.26 -9.17 -24.07
C LYS D 139 -41.27 -10.33 -24.16
N LYS D 140 -40.89 -11.38 -24.90
CA LYS D 140 -41.72 -12.56 -25.08
C LYS D 140 -42.09 -13.26 -23.75
N LEU D 141 -41.21 -13.16 -22.75
CA LEU D 141 -41.39 -13.82 -21.46
C LEU D 141 -42.15 -12.97 -20.45
N GLY D 142 -42.59 -11.78 -20.85
CA GLY D 142 -43.29 -10.86 -19.96
C GLY D 142 -42.39 -10.10 -19.00
N VAL D 143 -41.09 -10.02 -19.30
CA VAL D 143 -40.15 -9.28 -18.48
C VAL D 143 -40.24 -7.78 -18.81
N ARG D 144 -40.35 -6.95 -17.77
CA ARG D 144 -40.18 -5.51 -17.92
C ARG D 144 -38.76 -5.15 -17.49
N ILE D 145 -37.96 -4.63 -18.41
CA ILE D 145 -36.57 -4.35 -18.13
C ILE D 145 -36.28 -2.85 -18.27
N ARG D 146 -35.35 -2.37 -17.46
CA ARG D 146 -34.84 -1.03 -17.64
C ARG D 146 -33.47 -0.83 -17.00
N TRP D 147 -32.82 0.23 -17.43
CA TRP D 147 -31.49 0.61 -16.97
C TRP D 147 -31.63 1.34 -15.65
N VAL D 148 -30.72 1.04 -14.73
CA VAL D 148 -30.54 1.81 -13.52
C VAL D 148 -29.05 2.10 -13.44
N GLY D 149 -28.73 3.38 -13.37
CA GLY D 149 -27.36 3.78 -13.16
C GLY D 149 -27.18 5.27 -13.32
N SER D 150 -25.91 5.67 -13.31
CA SER D 150 -25.48 7.03 -13.49
C SER D 150 -25.06 7.27 -14.95
N ARG D 151 -25.40 8.45 -15.46
CA ARG D 151 -25.17 8.82 -16.86
C ARG D 151 -23.72 9.13 -17.18
N PRO D 152 -23.06 10.01 -16.40
CA PRO D 152 -21.67 10.34 -16.65
C PRO D 152 -20.77 9.13 -16.88
N ARG D 153 -19.99 9.16 -17.97
CA ARG D 153 -19.03 8.11 -18.35
C ARG D 153 -19.60 6.91 -19.10
N LEU D 154 -20.87 6.58 -18.88
CA LEU D 154 -21.46 5.40 -19.50
C LEU D 154 -21.63 5.62 -20.99
N TRP D 155 -21.22 4.64 -21.80
CA TRP D 155 -21.38 4.72 -23.25
C TRP D 155 -22.84 4.99 -23.60
N ARG D 156 -23.08 5.93 -24.49
CA ARG D 156 -24.46 6.26 -24.86
C ARG D 156 -25.12 5.12 -25.62
N SER D 157 -24.33 4.30 -26.31
CA SER D 157 -24.85 3.10 -26.97
C SER D 157 -25.46 2.11 -25.98
N VAL D 158 -24.91 2.03 -24.77
CA VAL D 158 -25.45 1.15 -23.72
C VAL D 158 -26.79 1.67 -23.18
N ILE D 159 -26.83 2.96 -22.87
CA ILE D 159 -28.05 3.61 -22.38
C ILE D 159 -29.15 3.44 -23.44
N ASN D 160 -28.76 3.60 -24.71
CA ASN D 160 -29.67 3.56 -25.85
C ASN D 160 -30.27 2.17 -26.09
N GLU D 161 -29.46 1.12 -26.05
CA GLU D 161 -29.99 -0.22 -26.28
C GLU D 161 -30.95 -0.62 -25.14
N LEU D 162 -30.62 -0.22 -23.90
CA LEU D 162 -31.53 -0.40 -22.75
C LEU D 162 -32.81 0.46 -22.82
N ALA D 163 -32.70 1.63 -23.43
CA ALA D 163 -33.85 2.50 -23.62
C ALA D 163 -34.82 1.85 -24.61
N VAL D 164 -34.28 1.27 -25.68
CA VAL D 164 -35.10 0.53 -26.64
C VAL D 164 -35.74 -0.67 -25.95
N ALA D 165 -34.95 -1.40 -25.16
CA ALA D 165 -35.45 -2.56 -24.42
C ALA D 165 -36.53 -2.18 -23.40
N GLU D 166 -36.34 -1.03 -22.76
CA GLU D 166 -37.32 -0.50 -21.83
C GLU D 166 -38.65 -0.17 -22.50
N GLU D 167 -38.60 0.53 -23.62
CA GLU D 167 -39.82 0.93 -24.31
C GLU D 167 -40.57 -0.31 -24.82
N MET D 168 -39.83 -1.28 -25.36
CA MET D 168 -40.40 -2.54 -25.85
C MET D 168 -41.14 -3.35 -24.79
N THR D 169 -40.71 -3.25 -23.55
CA THR D 169 -41.24 -4.10 -22.50
C THR D 169 -42.01 -3.35 -21.43
N LYS D 170 -42.30 -2.07 -21.68
CA LYS D 170 -42.86 -1.20 -20.65
C LYS D 170 -44.23 -1.66 -20.14
N SER D 171 -44.94 -2.44 -20.95
CA SER D 171 -46.27 -2.91 -20.59
C SER D 171 -46.26 -4.33 -20.02
N ASN D 172 -45.09 -4.94 -19.92
CA ASN D 172 -44.99 -6.29 -19.35
C ASN D 172 -45.11 -6.23 -17.84
N ASP D 173 -45.53 -7.32 -17.23
CA ASP D 173 -45.77 -7.32 -15.81
C ASP D 173 -45.52 -8.65 -15.09
N VAL D 174 -44.87 -9.62 -15.73
CA VAL D 174 -44.60 -10.87 -15.02
C VAL D 174 -43.49 -10.65 -13.98
N ILE D 175 -42.46 -9.92 -14.38
CA ILE D 175 -41.34 -9.63 -13.49
C ILE D 175 -40.68 -8.35 -13.97
N THR D 176 -40.18 -7.54 -13.05
CA THR D 176 -39.39 -6.38 -13.43
C THR D 176 -37.91 -6.61 -13.12
N ILE D 177 -37.07 -6.43 -14.13
CA ILE D 177 -35.64 -6.55 -13.95
C ILE D 177 -35.01 -5.16 -14.01
N ASN D 178 -34.29 -4.82 -12.96
CA ASN D 178 -33.45 -3.63 -12.91
C ASN D 178 -32.05 -4.02 -13.39
N TYR D 179 -31.69 -3.60 -14.60
CA TYR D 179 -30.39 -3.90 -15.18
C TYR D 179 -29.42 -2.76 -14.87
N CYS D 180 -28.61 -2.95 -13.83
CA CYS D 180 -27.89 -1.85 -13.22
C CYS D 180 -26.51 -1.71 -13.82
N VAL D 181 -26.33 -0.65 -14.62
CA VAL D 181 -25.07 -0.42 -15.34
C VAL D 181 -24.51 0.95 -15.01
N ASN D 182 -23.26 1.01 -14.56
CA ASN D 182 -22.68 2.24 -14.00
C ASN D 182 -23.51 2.70 -12.81
N TYR D 183 -23.82 1.74 -11.94
CA TYR D 183 -24.62 2.01 -10.76
C TYR D 183 -23.69 2.06 -9.53
N GLY D 184 -23.98 2.99 -8.65
CA GLY D 184 -23.35 3.05 -7.32
C GLY D 184 -24.38 3.54 -6.33
N GLY D 185 -24.48 2.86 -5.18
CA GLY D 185 -25.43 3.22 -4.15
C GLY D 185 -25.20 4.62 -3.63
N ARG D 186 -23.97 4.91 -3.20
CA ARG D 186 -23.62 6.25 -2.75
C ARG D 186 -23.85 7.26 -3.87
N THR D 187 -23.49 6.88 -5.09
CA THR D 187 -23.67 7.76 -6.25
C THR D 187 -25.12 8.19 -6.47
N GLU D 188 -26.06 7.26 -6.43
CA GLU D 188 -27.45 7.60 -6.66
C GLU D 188 -27.98 8.47 -5.52
N ILE D 189 -27.53 8.20 -4.30
CA ILE D 189 -27.86 9.06 -3.16
C ILE D 189 -27.29 10.48 -3.34
N THR D 190 -26.05 10.58 -3.82
CA THR D 190 -25.43 11.89 -4.08
C THR D 190 -26.18 12.68 -5.17
N GLU D 191 -26.58 11.99 -6.22
CA GLU D 191 -27.36 12.59 -7.32
C GLU D 191 -28.74 13.05 -6.83
N ALA D 192 -29.36 12.23 -5.99
CA ALA D 192 -30.62 12.59 -5.32
C ALA D 192 -30.48 13.88 -4.52
N THR D 193 -29.43 13.94 -3.69
CA THR D 193 -29.14 15.14 -2.91
C THR D 193 -28.88 16.35 -3.81
N ARG D 194 -28.18 16.12 -4.91
CA ARG D 194 -27.90 17.19 -5.88
C ARG D 194 -29.20 17.73 -6.50
N GLU D 195 -30.13 16.86 -6.89
CA GLU D 195 -31.40 17.32 -7.46
C GLU D 195 -32.26 18.05 -6.42
N ILE D 196 -32.34 17.49 -5.21
CA ILE D 196 -33.04 18.13 -4.09
C ILE D 196 -32.49 19.55 -3.86
N ALA D 197 -31.16 19.68 -3.87
CA ALA D 197 -30.50 20.97 -3.74
C ALA D 197 -30.86 21.94 -4.85
N ARG D 198 -30.99 21.44 -6.07
CA ARG D 198 -31.40 22.27 -7.19
C ARG D 198 -32.79 22.87 -6.96
N GLU D 199 -33.70 22.02 -6.48
CA GLU D 199 -35.07 22.44 -6.15
C GLU D 199 -35.09 23.52 -5.08
N VAL D 200 -34.22 23.36 -4.07
CA VAL D 200 -34.09 24.34 -3.00
C VAL D 200 -33.59 25.68 -3.52
N ALA D 201 -32.60 25.66 -4.40
CA ALA D 201 -32.06 26.89 -4.99
C ALA D 201 -33.08 27.55 -5.92
N ALA D 202 -34.02 26.76 -6.42
CA ALA D 202 -35.07 27.24 -7.32
C ALA D 202 -36.31 27.70 -6.56
N GLY D 203 -36.31 27.52 -5.24
CA GLY D 203 -37.45 27.92 -4.41
C GLY D 203 -38.64 26.96 -4.46
N ARG D 204 -38.42 25.76 -5.00
CA ARG D 204 -39.49 24.76 -5.13
C ARG D 204 -39.45 23.71 -4.02
N LEU D 205 -38.67 23.95 -2.97
CA LEU D 205 -38.53 22.99 -1.85
C LEU D 205 -38.01 23.67 -0.60
N ASN D 206 -38.75 23.50 0.49
CA ASN D 206 -38.35 23.95 1.80
C ASN D 206 -37.44 22.90 2.45
N PRO D 207 -36.19 23.26 2.79
CA PRO D 207 -35.24 22.34 3.43
C PRO D 207 -35.76 21.62 4.70
N GLU D 208 -36.68 22.25 5.43
CA GLU D 208 -37.25 21.63 6.61
C GLU D 208 -38.30 20.58 6.26
N ARG D 209 -38.77 20.55 5.00
CA ARG D 209 -39.77 19.56 4.59
C ARG D 209 -39.17 18.28 4.01
N ILE D 210 -37.84 18.23 3.89
CA ILE D 210 -37.15 17.06 3.37
C ILE D 210 -37.22 15.89 4.34
N THR D 211 -37.70 14.75 3.84
CA THR D 211 -37.89 13.54 4.64
C THR D 211 -37.16 12.38 3.98
N GLU D 212 -37.22 11.18 4.57
CA GLU D 212 -36.60 10.01 3.94
C GLU D 212 -37.27 9.79 2.59
N SER D 213 -38.59 10.02 2.55
CA SER D 213 -39.40 9.95 1.33
C SER D 213 -38.91 10.84 0.20
N THR D 214 -38.49 12.05 0.55
CA THR D 214 -37.93 12.97 -0.42
C THR D 214 -36.72 12.34 -1.13
N ILE D 215 -35.84 11.74 -0.34
CA ILE D 215 -34.67 11.09 -0.90
C ILE D 215 -35.08 9.94 -1.84
N ALA D 216 -35.96 9.06 -1.34
CA ALA D 216 -36.45 7.94 -2.13
C ALA D 216 -37.04 8.38 -3.50
N ARG D 217 -37.81 9.46 -3.48
CA ARG D 217 -38.40 10.03 -4.70
C ARG D 217 -37.37 10.61 -5.68
N HIS D 218 -36.17 10.88 -5.20
CA HIS D 218 -35.09 11.40 -6.07
C HIS D 218 -34.03 10.35 -6.40
N LEU D 219 -34.24 9.10 -6.02
CA LEU D 219 -33.36 8.04 -6.46
C LEU D 219 -33.54 7.84 -7.98
N GLN D 220 -32.63 7.07 -8.60
CA GLN D 220 -32.55 6.96 -10.06
C GLN D 220 -33.81 6.29 -10.68
N ARG D 221 -34.44 5.38 -9.94
CA ARG D 221 -35.70 4.77 -10.32
C ARG D 221 -36.52 4.64 -9.04
N PRO D 222 -37.25 5.69 -8.69
CA PRO D 222 -37.97 5.73 -7.41
C PRO D 222 -39.01 4.62 -7.14
N ASP D 223 -39.47 3.92 -8.17
CA ASP D 223 -40.42 2.82 -7.96
C ASP D 223 -39.81 1.49 -7.48
N ILE D 224 -38.49 1.40 -7.40
CA ILE D 224 -37.83 0.18 -6.97
C ILE D 224 -38.09 0.02 -5.48
N PRO D 225 -38.73 -1.09 -5.10
CA PRO D 225 -39.07 -1.26 -3.68
C PRO D 225 -37.86 -1.79 -2.91
N ASP D 226 -37.97 -1.85 -1.59
CA ASP D 226 -36.86 -2.38 -0.78
C ASP D 226 -36.40 -3.76 -1.24
N VAL D 227 -35.12 -4.05 -1.06
CA VAL D 227 -34.58 -5.36 -1.37
C VAL D 227 -34.90 -6.28 -0.21
N ASP D 228 -35.52 -7.41 -0.49
CA ASP D 228 -35.83 -8.39 0.56
C ASP D 228 -34.72 -9.41 0.73
N LEU D 229 -34.20 -9.89 -0.39
CA LEU D 229 -33.11 -10.86 -0.44
C LEU D 229 -31.96 -10.32 -1.29
N PHE D 230 -30.79 -10.20 -0.67
CA PHE D 230 -29.58 -9.72 -1.33
C PHE D 230 -28.63 -10.91 -1.47
N LEU D 231 -28.30 -11.23 -2.72
CA LEU D 231 -27.48 -12.37 -3.06
C LEU D 231 -26.17 -11.89 -3.62
N ARG D 232 -25.11 -12.57 -3.22
CA ARG D 232 -23.85 -12.46 -3.91
C ARG D 232 -23.21 -13.82 -4.02
N THR D 233 -22.71 -14.14 -5.21
CA THR D 233 -22.06 -15.41 -5.47
C THR D 233 -20.55 -15.32 -5.24
N SER D 234 -19.87 -16.46 -5.38
CA SER D 234 -18.42 -16.62 -5.16
C SER D 234 -17.94 -16.55 -3.70
N GLY D 235 -18.90 -16.54 -2.77
CA GLY D 235 -18.59 -16.50 -1.33
C GLY D 235 -18.06 -15.17 -0.84
N GLU D 236 -18.18 -14.12 -1.66
CA GLU D 236 -17.70 -12.81 -1.27
C GLU D 236 -18.79 -12.16 -0.45
N GLN D 237 -18.55 -11.99 0.85
CA GLN D 237 -19.58 -11.44 1.74
C GLN D 237 -19.44 -9.92 1.84
N ARG D 238 -19.75 -9.25 0.73
CA ARG D 238 -19.87 -7.78 0.67
C ARG D 238 -21.08 -7.40 -0.21
N SER D 239 -21.70 -6.25 0.09
CA SER D 239 -22.78 -5.71 -0.73
C SER D 239 -22.20 -4.82 -1.85
N SER D 240 -20.96 -4.36 -1.67
CA SER D 240 -20.27 -3.54 -2.64
C SER D 240 -21.13 -2.41 -3.18
N ASN D 241 -21.83 -1.72 -2.28
CA ASN D 241 -22.52 -0.47 -2.67
C ASN D 241 -23.73 -0.71 -3.57
N PHE D 242 -24.21 -1.95 -3.63
CA PHE D 242 -25.33 -2.27 -4.52
C PHE D 242 -26.64 -2.05 -3.78
N MET D 243 -27.54 -1.29 -4.39
CA MET D 243 -28.87 -1.01 -3.84
C MET D 243 -28.75 -0.54 -2.38
N LEU D 244 -27.87 0.43 -2.14
CA LEU D 244 -27.47 0.77 -0.77
C LEU D 244 -28.68 1.23 0.05
N TRP D 245 -29.42 2.19 -0.49
CA TRP D 245 -30.59 2.74 0.20
C TRP D 245 -31.66 1.66 0.37
N GLN D 246 -31.85 0.90 -0.69
CA GLN D 246 -32.95 -0.06 -0.81
C GLN D 246 -32.73 -1.31 -0.01
N ALA D 247 -31.45 -1.67 0.23
CA ALA D 247 -31.11 -2.93 0.91
C ALA D 247 -30.87 -2.79 2.42
N ALA D 248 -31.24 -1.64 2.98
CA ALA D 248 -31.01 -1.33 4.39
C ALA D 248 -31.46 -2.43 5.36
N TYR D 249 -32.60 -3.05 5.08
CA TYR D 249 -33.13 -4.16 5.90
C TYR D 249 -33.19 -5.51 5.17
N ALA D 250 -32.43 -5.65 4.10
CA ALA D 250 -32.38 -6.89 3.32
C ALA D 250 -31.74 -8.06 4.06
N GLU D 251 -32.23 -9.27 3.75
CA GLU D 251 -31.60 -10.50 4.19
C GLU D 251 -30.45 -10.85 3.24
N TYR D 252 -29.25 -11.06 3.78
CA TYR D 252 -28.11 -11.43 2.95
C TYR D 252 -27.96 -12.93 2.89
N ILE D 253 -27.80 -13.46 1.67
CA ILE D 253 -27.39 -14.84 1.48
C ILE D 253 -26.18 -14.83 0.54
N PHE D 254 -25.09 -15.42 1.01
CA PHE D 254 -23.86 -15.48 0.26
C PHE D 254 -23.56 -16.91 -0.13
N GLN D 255 -23.63 -17.19 -1.43
CA GLN D 255 -23.41 -18.52 -1.95
C GLN D 255 -22.01 -18.66 -2.57
N ASP D 256 -21.42 -19.84 -2.38
CA ASP D 256 -20.03 -20.10 -2.76
C ASP D 256 -19.75 -20.21 -4.25
N LYS D 257 -20.71 -20.74 -5.01
CA LYS D 257 -20.58 -20.95 -6.46
C LYS D 257 -20.12 -19.71 -7.22
N LEU D 258 -19.18 -19.89 -8.14
CA LEU D 258 -18.78 -18.84 -9.09
C LEU D 258 -19.91 -18.66 -10.11
N TRP D 259 -20.15 -17.44 -10.54
CA TRP D 259 -21.33 -17.09 -11.34
C TRP D 259 -21.49 -17.94 -12.63
N PRO D 260 -20.41 -18.19 -13.38
CA PRO D 260 -20.60 -19.08 -14.54
C PRO D 260 -21.10 -20.50 -14.22
N ASP D 261 -20.90 -20.98 -12.98
CA ASP D 261 -21.41 -22.29 -12.52
C ASP D 261 -22.82 -22.23 -11.95
N TYR D 262 -23.36 -21.02 -11.79
CA TYR D 262 -24.64 -20.81 -11.11
C TYR D 262 -25.79 -21.20 -12.04
N ASP D 263 -26.92 -21.60 -11.44
CA ASP D 263 -28.12 -21.88 -12.22
C ASP D 263 -29.39 -21.65 -11.37
N ARG D 264 -30.56 -21.74 -12.01
CA ARG D 264 -31.80 -21.33 -11.35
C ARG D 264 -32.12 -22.13 -10.07
N ARG D 265 -31.59 -23.35 -9.97
CA ARG D 265 -31.82 -24.18 -8.80
C ARG D 265 -31.14 -23.59 -7.58
N ASP D 266 -30.02 -22.89 -7.82
CA ASP D 266 -29.30 -22.14 -6.78
C ASP D 266 -30.07 -20.91 -6.30
N LEU D 267 -30.65 -20.17 -7.24
CA LEU D 267 -31.54 -19.09 -6.87
C LEU D 267 -32.67 -19.62 -5.99
N TRP D 268 -33.32 -20.70 -6.41
CA TRP D 268 -34.38 -21.30 -5.61
C TRP D 268 -33.92 -21.70 -4.20
N ALA D 269 -32.75 -22.34 -4.10
CA ALA D 269 -32.15 -22.69 -2.82
C ALA D 269 -32.01 -21.46 -1.90
N ALA D 270 -31.51 -20.38 -2.47
CA ALA D 270 -31.36 -19.10 -1.78
C ALA D 270 -32.71 -18.60 -1.26
N CYS D 271 -33.74 -18.75 -2.08
CA CYS D 271 -35.10 -18.33 -1.73
C CYS D 271 -35.72 -19.21 -0.63
N GLU D 272 -35.43 -20.51 -0.65
CA GLU D 272 -35.84 -21.41 0.43
C GLU D 272 -35.21 -21.02 1.76
N GLU D 273 -33.92 -20.71 1.73
CA GLU D 273 -33.23 -20.23 2.91
C GLU D 273 -33.91 -18.96 3.45
N TYR D 274 -34.19 -18.02 2.56
CA TYR D 274 -34.89 -16.78 2.91
C TYR D 274 -36.21 -17.06 3.63
N ALA D 275 -36.97 -17.98 3.08
CA ALA D 275 -38.29 -18.29 3.59
C ALA D 275 -38.24 -18.83 5.02
N SER D 276 -37.05 -19.26 5.44
CA SER D 276 -36.80 -19.73 6.80
C SER D 276 -36.42 -18.62 7.78
N ARG D 277 -36.14 -17.43 7.25
CA ARG D 277 -35.69 -16.30 8.04
C ARG D 277 -36.89 -15.62 8.70
N THR D 278 -36.73 -15.18 9.95
CA THR D 278 -37.71 -14.29 10.57
C THR D 278 -37.16 -12.88 10.50
N ARG D 279 -37.95 -11.96 9.94
CA ARG D 279 -37.58 -10.56 9.82
C ARG D 279 -38.39 -9.72 10.81
N ARG D 280 -37.74 -8.76 11.46
CA ARG D 280 -38.38 -7.97 12.51
C ARG D 280 -38.44 -6.47 12.25
N PHE D 281 -37.56 -5.96 11.38
CA PHE D 281 -37.50 -4.53 11.07
C PHE D 281 -37.48 -3.63 12.31
N GLY D 282 -36.76 -4.08 13.34
CA GLY D 282 -36.63 -3.31 14.59
C GLY D 282 -37.58 -3.69 15.72
N SER D 283 -38.69 -4.33 15.39
CA SER D 283 -39.65 -4.77 16.41
C SER D 283 -39.10 -5.87 17.31
N ALA D 284 -39.79 -6.14 18.42
CA ALA D 284 -39.36 -7.17 19.36
C ALA D 284 -39.68 -8.56 18.82
#